data_5XZU
#
_entry.id   5XZU
#
_cell.length_a   135.274
_cell.length_b   83.136
_cell.length_c   65.387
_cell.angle_alpha   90.00
_cell.angle_beta   94.25
_cell.angle_gamma   90.00
#
_symmetry.space_group_name_H-M   'C 1 2 1'
#
loop_
_entity.id
_entity.type
_entity.pdbx_description
1 polymer Beta-xylanase
2 branched beta-D-glucopyranose-(1-4)-beta-D-glucopyranose
3 non-polymer 2-acetamido-2-deoxy-beta-D-glucopyranose
4 water water
#
_entity_poly.entity_id   1
_entity_poly.type   'polypeptide(L)'
_entity_poly.pdbx_seq_one_letter_code
;WGLNNAARADGKLWFGTAADIPGLEQDDRYYMKEYNNTHDFGGTTPANIMKFMFTEPEQNVFNFTGAQEFLDIAFASHKL
VRCHNLIWQSELPTWVTNPTTNWTNETLSKVLQNHVYTLVSHFGDQCYSWDVVNEALSDDPAGSYQNNIWFDTIGPEYVA
MAFEYAEKAVKDHKLNVKLYYNDYNIEYPGPKSTAAQNIVKELKARNIQIDGVGLESHFIAGETPSQATQITNMADFTSL
DIDVAVTELDVRLYLPPNATSEAQQVADYYATVAACAATERCIGITVWDFDDTYSWVPSTFAGQGYADLFFQPDGPNTPL
VKKAAYDGCLQALQH
;
_entity_poly.pdbx_strand_id   A,B
#
# COMPACT_ATOMS: atom_id res chain seq x y z
N TRP A 1 0.25 9.18 2.90
CA TRP A 1 0.43 9.81 1.55
C TRP A 1 1.39 8.98 0.70
N GLY A 2 0.95 8.60 -0.48
CA GLY A 2 1.74 7.70 -1.28
C GLY A 2 1.77 8.15 -2.74
N LEU A 3 2.20 7.24 -3.61
CA LEU A 3 2.50 7.58 -4.99
C LEU A 3 1.23 7.99 -5.74
N ASN A 4 0.13 7.29 -5.47
CA ASN A 4 -1.09 7.54 -6.16
C ASN A 4 -1.75 8.84 -5.71
N ASN A 5 -1.72 9.12 -4.42
CA ASN A 5 -2.19 10.43 -3.96
C ASN A 5 -1.37 11.55 -4.58
N ALA A 6 -0.05 11.37 -4.62
CA ALA A 6 0.85 12.37 -5.18
C ALA A 6 0.63 12.54 -6.68
N ALA A 7 0.42 11.44 -7.40
CA ALA A 7 0.22 11.53 -8.84
C ALA A 7 -1.11 12.24 -9.14
N ARG A 8 -2.15 11.89 -8.38
CA ARG A 8 -3.47 12.48 -8.61
C ARG A 8 -3.49 13.98 -8.26
N ALA A 9 -2.68 14.33 -7.28
CA ALA A 9 -2.46 15.74 -6.93
C ALA A 9 -1.74 16.51 -8.03
N ASP A 10 -0.96 15.82 -8.85
CA ASP A 10 -0.27 16.41 -9.99
C ASP A 10 -1.13 16.37 -11.29
N GLY A 11 -2.37 15.93 -11.17
CA GLY A 11 -3.29 15.94 -12.32
C GLY A 11 -3.28 14.63 -13.09
N LYS A 12 -2.57 13.64 -12.57
CA LYS A 12 -2.55 12.31 -13.20
C LYS A 12 -3.79 11.48 -12.80
N LEU A 13 -4.14 10.49 -13.62
CA LEU A 13 -5.24 9.59 -13.32
C LEU A 13 -4.86 8.50 -12.29
N TRP A 14 -3.57 8.18 -12.20
CA TRP A 14 -3.08 7.14 -11.31
C TRP A 14 -1.57 7.11 -11.18
N PHE A 15 -1.09 6.61 -10.03
CA PHE A 15 0.09 5.75 -10.00
C PHE A 15 -0.37 4.30 -9.88
N GLY A 16 0.12 3.48 -10.80
CA GLY A 16 -0.40 2.13 -10.97
C GLY A 16 0.65 1.03 -10.86
N THR A 17 0.18 -0.20 -10.78
CA THR A 17 1.06 -1.35 -10.89
C THR A 17 0.39 -2.47 -11.63
N ALA A 18 1.17 -3.19 -12.44
CA ALA A 18 0.75 -4.49 -12.94
C ALA A 18 0.73 -5.49 -11.80
N ALA A 19 -0.03 -6.56 -11.97
CA ALA A 19 -0.01 -7.70 -11.03
C ALA A 19 -0.37 -8.94 -11.81
N ASP A 20 0.31 -10.03 -11.47
CA ASP A 20 0.14 -11.33 -12.07
C ASP A 20 -0.95 -12.08 -11.33
N ILE A 21 -2.17 -11.51 -11.44
CA ILE A 21 -3.38 -11.98 -10.74
C ILE A 21 -4.37 -12.35 -11.84
N PRO A 22 -4.94 -13.56 -11.81
CA PRO A 22 -4.90 -14.46 -10.68
C PRO A 22 -3.57 -15.17 -10.63
N GLY A 23 -3.14 -15.54 -9.42
CA GLY A 23 -1.83 -16.16 -9.30
C GLY A 23 -1.35 -16.21 -7.89
N LEU A 24 -0.12 -16.68 -7.73
CA LEU A 24 0.49 -16.91 -6.41
C LEU A 24 0.51 -15.63 -5.56
N GLU A 25 0.55 -14.47 -6.22
CA GLU A 25 0.52 -13.22 -5.47
C GLU A 25 -0.66 -13.14 -4.50
N GLN A 26 -1.78 -13.73 -4.85
CA GLN A 26 -2.98 -13.65 -4.05
C GLN A 26 -2.80 -14.41 -2.73
N ASP A 27 -1.88 -15.35 -2.70
CA ASP A 27 -1.59 -16.07 -1.47
C ASP A 27 -0.60 -15.38 -0.55
N ASP A 28 -0.09 -14.23 -0.95
CA ASP A 28 0.87 -13.45 -0.17
C ASP A 28 0.18 -12.24 0.45
N ARG A 29 -0.09 -12.30 1.76
CA ARG A 29 -0.86 -11.27 2.42
C ARG A 29 -0.07 -9.95 2.49
N TYR A 30 1.27 -10.01 2.49
CA TYR A 30 2.07 -8.80 2.58
C TYR A 30 2.11 -8.09 1.22
N TYR A 31 2.18 -8.88 0.16
CA TYR A 31 2.00 -8.35 -1.20
C TYR A 31 0.63 -7.75 -1.39
N MET A 32 -0.44 -8.46 -1.03
CA MET A 32 -1.78 -8.01 -1.28
C MET A 32 -2.13 -6.76 -0.47
N LYS A 33 -1.63 -6.64 0.77
CA LYS A 33 -1.91 -5.45 1.58
C LYS A 33 -1.41 -4.20 0.82
N GLU A 34 -0.24 -4.30 0.21
CA GLU A 34 0.32 -3.17 -0.53
C GLU A 34 -0.33 -2.96 -1.90
N TYR A 35 -0.67 -4.06 -2.59
CA TYR A 35 -1.47 -3.95 -3.83
C TYR A 35 -2.76 -3.20 -3.58
N ASN A 36 -3.39 -3.49 -2.45
CA ASN A 36 -4.70 -2.97 -2.15
C ASN A 36 -4.58 -1.53 -1.63
N ASN A 37 -3.36 -1.05 -1.43
CA ASN A 37 -3.15 0.26 -0.82
C ASN A 37 -3.37 1.38 -1.85
N THR A 38 -4.51 2.07 -1.78
CA THR A 38 -4.87 3.03 -2.81
C THR A 38 -4.08 4.32 -2.66
N HIS A 39 -3.44 4.53 -1.50
CA HIS A 39 -2.45 5.60 -1.35
C HIS A 39 -1.33 5.44 -2.38
N ASP A 40 -0.97 4.21 -2.70
CA ASP A 40 0.13 3.96 -3.65
C ASP A 40 -0.38 3.63 -5.05
N PHE A 41 -1.44 2.86 -5.15
CA PHE A 41 -1.89 2.31 -6.44
C PHE A 41 -3.37 2.56 -6.71
N GLY A 42 -3.61 3.44 -7.69
CA GLY A 42 -4.95 3.80 -8.11
C GLY A 42 -5.23 3.30 -9.53
N GLY A 43 -4.27 2.54 -10.07
CA GLY A 43 -4.41 1.94 -11.37
C GLY A 43 -3.74 0.57 -11.37
N THR A 44 -4.15 -0.26 -12.31
CA THR A 44 -3.52 -1.56 -12.45
C THR A 44 -3.69 -2.10 -13.86
N THR A 45 -2.81 -3.04 -14.20
CA THR A 45 -2.79 -3.76 -15.46
C THR A 45 -2.62 -5.26 -15.16
N PRO A 46 -3.40 -6.12 -15.82
CA PRO A 46 -3.20 -7.59 -15.65
C PRO A 46 -1.94 -8.01 -16.38
N ALA A 47 -1.00 -8.66 -15.68
CA ALA A 47 0.28 -9.02 -16.31
C ALA A 47 0.10 -10.04 -17.42
N ASN A 48 -0.90 -10.92 -17.28
CA ASN A 48 -1.06 -12.04 -18.20
C ASN A 48 -2.47 -12.44 -18.60
N ILE A 49 -3.41 -12.37 -17.67
CA ILE A 49 -4.70 -13.09 -17.81
C ILE A 49 -5.64 -12.53 -18.89
N MET A 50 -5.36 -11.34 -19.42
CA MET A 50 -6.11 -10.85 -20.56
C MET A 50 -5.45 -11.04 -21.92
N LYS A 51 -4.29 -11.71 -21.97
CA LYS A 51 -3.61 -12.01 -23.22
C LYS A 51 -4.31 -13.10 -24.02
N PHE A 52 -3.93 -13.21 -25.28
CA PHE A 52 -4.74 -13.90 -26.27
C PHE A 52 -4.90 -15.38 -25.91
N MET A 53 -3.81 -16.03 -25.51
CA MET A 53 -3.90 -17.46 -25.21
C MET A 53 -4.83 -17.76 -24.01
N PHE A 54 -4.98 -16.82 -23.08
CA PHE A 54 -5.84 -17.06 -21.93
C PHE A 54 -7.30 -16.69 -22.21
N THR A 55 -7.52 -15.72 -23.08
CA THR A 55 -8.88 -15.25 -23.38
C THR A 55 -9.57 -15.96 -24.55
N GLU A 56 -8.79 -16.46 -25.49
CA GLU A 56 -9.31 -17.26 -26.60
C GLU A 56 -8.45 -18.55 -26.78
N PRO A 57 -8.54 -19.49 -25.82
CA PRO A 57 -7.65 -20.64 -25.79
C PRO A 57 -7.85 -21.63 -26.94
N GLU A 58 -9.05 -21.65 -27.51
CA GLU A 58 -9.33 -22.38 -28.75
C GLU A 58 -10.07 -21.41 -29.67
N GLN A 59 -9.98 -21.62 -30.97
CA GLN A 59 -10.57 -20.70 -31.91
C GLN A 59 -12.08 -20.54 -31.68
N ASN A 60 -12.49 -19.26 -31.56
CA ASN A 60 -13.85 -18.83 -31.26
C ASN A 60 -14.39 -19.27 -29.89
N VAL A 61 -13.53 -19.76 -29.00
CA VAL A 61 -13.94 -20.18 -27.68
C VAL A 61 -13.30 -19.23 -26.67
N PHE A 62 -14.09 -18.29 -26.18
CA PHE A 62 -13.58 -17.26 -25.29
C PHE A 62 -13.69 -17.65 -23.82
N ASN A 63 -12.70 -17.23 -23.05
CA ASN A 63 -12.68 -17.48 -21.62
C ASN A 63 -12.37 -16.18 -20.88
N PHE A 64 -13.38 -15.69 -20.18
CA PHE A 64 -13.27 -14.40 -19.51
C PHE A 64 -13.11 -14.54 -18.00
N THR A 65 -13.15 -15.76 -17.48
CA THR A 65 -13.35 -15.89 -16.01
C THR A 65 -12.17 -15.38 -15.17
N GLY A 66 -10.95 -15.71 -15.57
CA GLY A 66 -9.78 -15.20 -14.87
C GLY A 66 -9.64 -13.69 -15.00
N ALA A 67 -9.85 -13.18 -16.20
CA ALA A 67 -9.86 -11.74 -16.40
C ALA A 67 -10.91 -11.05 -15.50
N GLN A 68 -12.09 -11.63 -15.38
CA GLN A 68 -13.12 -11.05 -14.54
C GLN A 68 -12.73 -11.10 -13.06
N GLU A 69 -12.05 -12.16 -12.63
CA GLU A 69 -11.54 -12.18 -11.25
C GLU A 69 -10.56 -11.02 -11.03
N PHE A 70 -9.66 -10.82 -11.98
CA PHE A 70 -8.76 -9.65 -11.92
C PHE A 70 -9.49 -8.32 -11.84
N LEU A 71 -10.50 -8.13 -12.69
CA LEU A 71 -11.26 -6.89 -12.69
C LEU A 71 -12.02 -6.68 -11.39
N ASP A 72 -12.60 -7.76 -10.86
CA ASP A 72 -13.31 -7.66 -9.60
C ASP A 72 -12.40 -7.18 -8.45
N ILE A 73 -11.20 -7.74 -8.40
CA ILE A 73 -10.20 -7.35 -7.41
C ILE A 73 -9.76 -5.91 -7.58
N ALA A 74 -9.55 -5.49 -8.82
CA ALA A 74 -9.16 -4.12 -9.10
C ALA A 74 -10.25 -3.16 -8.67
N PHE A 75 -11.49 -3.48 -9.04
CA PHE A 75 -12.62 -2.64 -8.74
C PHE A 75 -12.80 -2.42 -7.21
N ALA A 76 -12.53 -3.46 -6.42
CA ALA A 76 -12.72 -3.36 -4.99
C ALA A 76 -11.75 -2.35 -4.36
N SER A 77 -10.62 -2.12 -5.00
CA SER A 77 -9.61 -1.13 -4.60
C SER A 77 -9.75 0.23 -5.31
N HIS A 78 -10.85 0.46 -6.03
CA HIS A 78 -11.03 1.66 -6.85
C HIS A 78 -9.90 1.89 -7.84
N LYS A 79 -9.37 0.83 -8.47
CA LYS A 79 -8.28 0.99 -9.45
C LYS A 79 -8.83 1.13 -10.87
N LEU A 80 -8.39 2.16 -11.60
CA LEU A 80 -8.66 2.18 -13.02
C LEU A 80 -7.78 1.17 -13.74
N VAL A 81 -8.34 0.45 -14.71
CA VAL A 81 -7.65 -0.68 -15.31
C VAL A 81 -7.17 -0.41 -16.73
N ARG A 82 -5.90 -0.65 -16.99
CA ARG A 82 -5.40 -0.67 -18.35
C ARG A 82 -5.52 -2.12 -18.78
N CYS A 83 -6.50 -2.41 -19.62
CA CYS A 83 -6.61 -3.75 -20.18
C CYS A 83 -5.53 -4.02 -21.21
N HIS A 84 -4.89 -5.18 -21.10
CA HIS A 84 -3.67 -5.53 -21.82
C HIS A 84 -3.67 -7.02 -22.15
N ASN A 85 -3.49 -7.47 -23.41
CA ASN A 85 -3.44 -6.67 -24.65
C ASN A 85 -4.18 -7.51 -25.71
N LEU A 86 -4.57 -6.89 -26.81
CA LEU A 86 -5.39 -7.57 -27.81
C LEU A 86 -4.53 -8.34 -28.82
N ILE A 87 -3.65 -7.64 -29.53
CA ILE A 87 -2.86 -8.26 -30.61
C ILE A 87 -1.39 -8.04 -30.34
N TRP A 88 -0.66 -9.13 -30.27
CA TRP A 88 0.77 -9.15 -29.93
C TRP A 88 1.36 -10.43 -30.54
N GLN A 89 2.66 -10.42 -30.81
CA GLN A 89 3.29 -11.61 -31.38
C GLN A 89 3.45 -12.76 -30.38
N SER A 90 3.37 -12.46 -29.07
CA SER A 90 3.74 -13.46 -28.07
C SER A 90 2.56 -13.98 -27.26
N GLU A 91 2.77 -15.03 -26.47
CA GLU A 91 1.68 -15.68 -25.71
C GLU A 91 0.43 -15.95 -26.52
N LEU A 92 0.69 -16.47 -27.72
CA LEU A 92 -0.35 -16.85 -28.65
C LEU A 92 -0.54 -18.36 -28.48
N PRO A 93 -1.79 -18.80 -28.55
CA PRO A 93 -2.07 -20.22 -28.40
C PRO A 93 -1.67 -21.00 -29.65
N THR A 94 -1.67 -22.32 -29.54
CA THR A 94 -1.12 -23.15 -30.59
C THR A 94 -1.99 -23.17 -31.83
N TRP A 95 -3.30 -22.93 -31.66
CA TRP A 95 -4.18 -22.88 -32.82
C TRP A 95 -3.87 -21.72 -33.76
N VAL A 96 -3.30 -20.65 -33.21
CA VAL A 96 -2.85 -19.55 -34.02
C VAL A 96 -1.45 -19.85 -34.59
N THR A 97 -0.52 -20.24 -33.71
CA THR A 97 0.89 -20.32 -34.10
C THR A 97 1.13 -21.51 -35.01
N ASN A 98 0.46 -22.62 -34.72
CA ASN A 98 0.68 -23.86 -35.45
C ASN A 98 -0.64 -24.45 -35.95
N PRO A 99 -1.31 -23.78 -36.89
CA PRO A 99 -2.60 -24.29 -37.36
C PRO A 99 -2.41 -25.51 -38.29
N THR A 100 -3.35 -26.44 -38.27
CA THR A 100 -3.27 -27.61 -39.17
C THR A 100 -3.23 -27.17 -40.62
N THR A 101 -4.02 -26.16 -40.94
CA THR A 101 -4.02 -25.53 -42.25
C THR A 101 -3.51 -24.07 -42.18
N ASN A 102 -2.74 -23.66 -43.19
CA ASN A 102 -2.05 -22.37 -43.13
C ASN A 102 -3.03 -21.19 -43.18
N TRP A 103 -2.75 -20.11 -42.46
CA TRP A 103 -3.64 -18.96 -42.48
C TRP A 103 -3.55 -18.31 -43.86
N THR A 104 -4.61 -17.63 -44.27
CA THR A 104 -4.56 -16.65 -45.36
C THR A 104 -4.81 -15.25 -44.79
N ASN A 105 -4.56 -14.21 -45.58
CA ASN A 105 -4.93 -12.85 -45.22
C ASN A 105 -6.38 -12.80 -44.73
N GLU A 106 -7.26 -13.41 -45.52
CA GLU A 106 -8.67 -13.43 -45.22
C GLU A 106 -8.95 -14.11 -43.87
N THR A 107 -8.43 -15.31 -43.67
CA THR A 107 -8.82 -16.07 -42.48
C THR A 107 -8.17 -15.52 -41.21
N LEU A 108 -6.91 -15.06 -41.29
CA LEU A 108 -6.29 -14.46 -40.09
C LEU A 108 -6.84 -13.08 -39.78
N SER A 109 -7.26 -12.35 -40.80
CA SER A 109 -7.85 -11.05 -40.59
C SER A 109 -9.13 -11.25 -39.77
N LYS A 110 -9.93 -12.26 -40.11
CA LYS A 110 -11.15 -12.56 -39.39
C LYS A 110 -10.90 -12.98 -37.96
N VAL A 111 -9.84 -13.73 -37.74
CA VAL A 111 -9.46 -14.10 -36.37
C VAL A 111 -9.13 -12.85 -35.56
N LEU A 112 -8.35 -11.95 -36.15
CA LEU A 112 -7.95 -10.71 -35.47
C LEU A 112 -9.17 -9.90 -35.14
N GLN A 113 -10.03 -9.75 -36.13
CA GLN A 113 -11.21 -8.90 -35.98
C GLN A 113 -12.11 -9.42 -34.87
N ASN A 114 -12.32 -10.73 -34.82
CA ASN A 114 -13.23 -11.36 -33.87
C ASN A 114 -12.65 -11.26 -32.45
N HIS A 115 -11.34 -11.46 -32.36
CA HIS A 115 -10.68 -11.38 -31.04
C HIS A 115 -10.77 -9.97 -30.46
N VAL A 116 -10.40 -8.98 -31.28
CA VAL A 116 -10.49 -7.58 -30.87
C VAL A 116 -11.94 -7.20 -30.50
N TYR A 117 -12.89 -7.48 -31.40
CA TYR A 117 -14.24 -6.99 -31.25
C TYR A 117 -14.88 -7.65 -30.05
N THR A 118 -14.69 -8.97 -29.88
CA THR A 118 -15.28 -9.58 -28.72
C THR A 118 -14.69 -9.17 -27.38
N LEU A 119 -13.38 -9.01 -27.28
CA LEU A 119 -12.84 -8.65 -25.98
C LEU A 119 -13.26 -7.24 -25.57
N VAL A 120 -13.19 -6.31 -26.53
CA VAL A 120 -13.55 -4.91 -26.23
C VAL A 120 -15.03 -4.79 -25.87
N SER A 121 -15.87 -5.41 -26.70
CA SER A 121 -17.30 -5.42 -26.43
C SER A 121 -17.66 -6.08 -25.09
N HIS A 122 -17.07 -7.23 -24.81
CA HIS A 122 -17.42 -7.97 -23.60
C HIS A 122 -17.11 -7.19 -22.33
N PHE A 123 -15.89 -6.70 -22.22
CA PHE A 123 -15.45 -6.04 -20.99
C PHE A 123 -15.95 -4.61 -20.83
N GLY A 124 -16.28 -3.97 -21.94
CA GLY A 124 -16.85 -2.62 -21.91
C GLY A 124 -15.99 -1.65 -21.12
N ASP A 125 -16.67 -0.81 -20.35
CA ASP A 125 -16.05 0.22 -19.54
C ASP A 125 -15.49 -0.29 -18.21
N GLN A 126 -15.37 -1.61 -18.04
CA GLN A 126 -14.51 -2.12 -16.97
C GLN A 126 -13.06 -1.76 -17.21
N CYS A 127 -12.71 -1.56 -18.49
CA CYS A 127 -11.37 -1.13 -18.92
C CYS A 127 -11.36 0.41 -19.11
N TYR A 128 -10.41 1.10 -18.50
CA TYR A 128 -10.15 2.51 -18.85
C TYR A 128 -9.60 2.60 -20.26
N SER A 129 -8.74 1.64 -20.60
CA SER A 129 -8.08 1.56 -21.91
C SER A 129 -7.81 0.14 -22.30
N TRP A 130 -7.57 -0.08 -23.60
CA TRP A 130 -6.97 -1.32 -24.11
C TRP A 130 -5.66 -1.03 -24.80
N ASP A 131 -4.67 -1.90 -24.57
CA ASP A 131 -3.52 -1.97 -25.42
C ASP A 131 -3.88 -2.83 -26.62
N VAL A 132 -4.30 -2.16 -27.68
CA VAL A 132 -4.96 -2.83 -28.80
C VAL A 132 -3.92 -3.59 -29.62
N VAL A 133 -2.84 -2.88 -29.97
CA VAL A 133 -1.68 -3.54 -30.54
C VAL A 133 -0.48 -3.30 -29.67
N ASN A 134 0.26 -4.38 -29.41
CA ASN A 134 1.45 -4.37 -28.54
C ASN A 134 2.65 -4.73 -29.40
N GLU A 135 3.60 -3.82 -29.49
CA GLU A 135 4.93 -4.14 -29.98
C GLU A 135 4.90 -4.59 -31.44
N ALA A 136 4.41 -3.70 -32.28
CA ALA A 136 4.33 -3.99 -33.72
C ALA A 136 5.63 -3.67 -34.44
N LEU A 137 6.52 -2.95 -33.77
CA LEU A 137 7.69 -2.39 -34.44
C LEU A 137 8.93 -3.23 -34.13
N SER A 138 9.83 -3.27 -35.10
CA SER A 138 11.08 -4.00 -34.99
C SER A 138 12.15 -3.18 -34.24
N ASP A 139 13.13 -3.86 -33.65
CA ASP A 139 14.36 -3.21 -33.22
C ASP A 139 15.47 -3.20 -34.27
N ASP A 140 15.23 -3.80 -35.45
CA ASP A 140 16.32 -4.03 -36.41
C ASP A 140 15.80 -4.51 -37.78
N PRO A 141 15.74 -3.63 -38.78
CA PRO A 141 16.04 -2.22 -38.61
C PRO A 141 15.04 -1.53 -37.68
N ALA A 142 15.54 -0.62 -36.84
CA ALA A 142 14.68 0.04 -35.87
C ALA A 142 13.33 0.58 -36.42
N GLY A 143 13.35 1.28 -37.55
CA GLY A 143 12.08 1.87 -38.07
C GLY A 143 10.95 0.89 -38.38
N SER A 144 11.31 -0.34 -38.71
CA SER A 144 10.46 -1.16 -39.57
C SER A 144 9.42 -1.94 -38.76
N TYR A 145 8.50 -2.60 -39.48
CA TYR A 145 7.51 -3.46 -38.81
C TYR A 145 8.14 -4.78 -38.39
N GLN A 146 7.77 -5.23 -37.20
CA GLN A 146 8.15 -6.53 -36.70
C GLN A 146 7.55 -7.65 -37.54
N ASN A 147 8.37 -8.66 -37.78
CA ASN A 147 7.89 -9.89 -38.41
C ASN A 147 7.20 -10.75 -37.35
N ASN A 148 5.93 -11.07 -37.58
CA ASN A 148 5.19 -11.92 -36.67
C ASN A 148 4.03 -12.50 -37.45
N ILE A 149 3.24 -13.36 -36.83
CA ILE A 149 2.20 -14.05 -37.61
C ILE A 149 1.16 -13.09 -38.23
N TRP A 150 0.86 -12.00 -37.51
CA TRP A 150 -0.09 -11.00 -38.02
C TRP A 150 0.48 -10.26 -39.22
N PHE A 151 1.72 -9.76 -39.07
CA PHE A 151 2.37 -8.98 -40.12
C PHE A 151 2.63 -9.80 -41.35
N ASP A 152 3.17 -10.99 -41.11
CA ASP A 152 3.54 -11.85 -42.22
C ASP A 152 2.32 -12.27 -43.03
N THR A 153 1.15 -12.35 -42.40
CA THR A 153 -0.01 -12.90 -43.06
C THR A 153 -0.93 -11.80 -43.61
N ILE A 154 -1.09 -10.73 -42.84
CA ILE A 154 -2.00 -9.65 -43.19
C ILE A 154 -1.27 -8.46 -43.82
N GLY A 155 -0.02 -8.26 -43.45
CA GLY A 155 0.71 -7.04 -43.79
C GLY A 155 0.54 -5.95 -42.76
N PRO A 156 1.14 -4.77 -42.99
CA PRO A 156 1.08 -3.67 -42.05
C PRO A 156 -0.31 -3.23 -41.68
N GLU A 157 -1.26 -3.52 -42.57
CA GLU A 157 -2.65 -3.15 -42.35
C GLU A 157 -3.20 -3.74 -41.05
N TYR A 158 -2.63 -4.84 -40.54
CA TYR A 158 -3.17 -5.45 -39.30
C TYR A 158 -3.27 -4.46 -38.12
N VAL A 159 -2.38 -3.48 -38.10
CA VAL A 159 -2.42 -2.47 -37.03
C VAL A 159 -3.65 -1.57 -37.14
N ALA A 160 -3.85 -0.93 -38.30
CA ALA A 160 -5.04 -0.17 -38.53
C ALA A 160 -6.31 -0.99 -38.31
N MET A 161 -6.27 -2.23 -38.78
CA MET A 161 -7.42 -3.14 -38.64
C MET A 161 -7.81 -3.36 -37.17
N ALA A 162 -6.81 -3.57 -36.34
CA ALA A 162 -7.05 -3.79 -34.92
C ALA A 162 -7.73 -2.60 -34.30
N PHE A 163 -7.23 -1.38 -34.59
CA PHE A 163 -7.82 -0.18 -34.04
C PHE A 163 -9.22 0.07 -34.59
N GLU A 164 -9.40 -0.22 -35.89
CA GLU A 164 -10.69 -0.04 -36.56
C GLU A 164 -11.76 -0.91 -35.93
N TYR A 165 -11.40 -2.15 -35.60
CA TYR A 165 -12.39 -3.04 -35.01
C TYR A 165 -12.60 -2.84 -33.54
N ALA A 166 -11.58 -2.34 -32.84
CA ALA A 166 -11.73 -1.91 -31.46
C ALA A 166 -12.66 -0.67 -31.40
N GLU A 167 -12.48 0.25 -32.34
CA GLU A 167 -13.35 1.42 -32.47
C GLU A 167 -14.82 1.03 -32.73
N LYS A 168 -15.01 0.05 -33.61
CA LYS A 168 -16.34 -0.47 -33.90
C LYS A 168 -16.99 -0.98 -32.62
N ALA A 169 -16.24 -1.72 -31.82
CA ALA A 169 -16.78 -2.24 -30.56
C ALA A 169 -17.12 -1.09 -29.60
N VAL A 170 -16.26 -0.06 -29.50
CA VAL A 170 -16.62 1.06 -28.61
C VAL A 170 -17.85 1.82 -29.12
N LYS A 171 -17.95 2.04 -30.41
CA LYS A 171 -19.11 2.75 -30.96
C LYS A 171 -20.41 1.94 -30.84
N ASP A 172 -20.30 0.65 -31.04
CA ASP A 172 -21.47 -0.19 -31.04
C ASP A 172 -22.02 -0.36 -29.63
N HIS A 173 -21.19 -0.09 -28.61
CA HIS A 173 -21.63 -0.26 -27.23
C HIS A 173 -21.50 1.01 -26.40
N LYS A 174 -21.33 2.13 -27.10
CA LYS A 174 -21.26 3.48 -26.50
C LYS A 174 -20.26 3.48 -25.34
N LEU A 175 -19.07 2.94 -25.59
CA LEU A 175 -18.07 2.82 -24.52
C LEU A 175 -17.24 4.10 -24.44
N ASN A 176 -16.55 4.27 -23.33
CA ASN A 176 -15.60 5.38 -23.14
C ASN A 176 -14.13 4.93 -23.19
N VAL A 177 -13.92 3.66 -23.48
CA VAL A 177 -12.61 3.05 -23.36
C VAL A 177 -11.64 3.73 -24.34
N LYS A 178 -10.42 4.01 -23.85
CA LYS A 178 -9.36 4.56 -24.70
C LYS A 178 -8.55 3.47 -25.42
N LEU A 179 -8.16 3.76 -26.66
CA LEU A 179 -7.42 2.82 -27.48
C LEU A 179 -5.95 3.21 -27.59
N TYR A 180 -5.09 2.35 -27.07
CA TYR A 180 -3.66 2.62 -27.01
C TYR A 180 -2.86 1.65 -27.88
N TYR A 181 -1.79 2.19 -28.46
CA TYR A 181 -0.63 1.49 -28.98
C TYR A 181 0.47 1.45 -27.92
N ASN A 182 1.02 0.27 -27.64
CA ASN A 182 2.00 0.10 -26.56
C ASN A 182 3.27 -0.55 -27.11
N ASP A 183 4.41 0.01 -26.76
CA ASP A 183 5.71 -0.47 -27.26
C ASP A 183 6.86 -0.05 -26.35
N TYR A 184 7.97 -0.77 -26.50
CA TYR A 184 9.24 -0.48 -25.81
C TYR A 184 10.29 0.03 -26.79
N ASN A 185 11.32 0.66 -26.24
CA ASN A 185 12.37 1.32 -27.02
C ASN A 185 11.82 2.45 -27.88
N ILE A 186 10.68 3.02 -27.46
CA ILE A 186 10.11 4.21 -28.03
C ILE A 186 10.09 5.34 -27.01
N GLU A 187 10.87 5.19 -25.94
CA GLU A 187 10.88 6.18 -24.85
C GLU A 187 11.93 7.28 -25.02
N TYR A 188 12.65 7.24 -26.13
CA TYR A 188 13.67 8.22 -26.47
C TYR A 188 13.56 8.46 -27.97
N PRO A 189 14.00 9.62 -28.44
CA PRO A 189 13.95 9.87 -29.87
C PRO A 189 14.85 8.94 -30.65
N GLY A 190 14.34 8.53 -31.81
CA GLY A 190 15.06 7.60 -32.63
C GLY A 190 14.10 6.98 -33.63
N PRO A 191 14.61 6.05 -34.42
CA PRO A 191 13.79 5.56 -35.53
C PRO A 191 12.56 4.77 -35.08
N LYS A 192 12.66 4.09 -33.95
CA LYS A 192 11.54 3.31 -33.45
C LYS A 192 10.44 4.21 -32.90
N SER A 193 10.83 5.19 -32.10
CA SER A 193 9.88 6.17 -31.65
C SER A 193 9.22 6.88 -32.83
N THR A 194 10.03 7.31 -33.79
CA THR A 194 9.48 8.02 -34.94
C THR A 194 8.48 7.14 -35.71
N ALA A 195 8.78 5.86 -35.81
CA ALA A 195 7.91 4.92 -36.49
C ALA A 195 6.59 4.76 -35.75
N ALA A 196 6.66 4.79 -34.40
CA ALA A 196 5.43 4.76 -33.63
C ALA A 196 4.61 6.04 -33.85
N GLN A 197 5.28 7.19 -33.95
CA GLN A 197 4.59 8.43 -34.20
C GLN A 197 3.96 8.41 -35.58
N ASN A 198 4.59 7.73 -36.51
CA ASN A 198 4.00 7.63 -37.86
C ASN A 198 2.78 6.69 -37.92
N ILE A 199 2.77 5.67 -37.09
CA ILE A 199 1.56 4.88 -36.89
C ILE A 199 0.41 5.75 -36.40
N VAL A 200 0.65 6.60 -35.42
CA VAL A 200 -0.40 7.45 -34.89
C VAL A 200 -0.89 8.37 -36.00
N LYS A 201 0.05 9.01 -36.69
CA LYS A 201 -0.31 9.94 -37.76
C LYS A 201 -1.14 9.24 -38.84
N GLU A 202 -0.75 8.03 -39.23
CA GLU A 202 -1.50 7.30 -40.26
C GLU A 202 -2.92 6.97 -39.82
N LEU A 203 -3.09 6.60 -38.56
CA LEU A 203 -4.41 6.26 -38.07
C LEU A 203 -5.26 7.50 -38.02
N LYS A 204 -4.71 8.61 -37.54
CA LYS A 204 -5.45 9.86 -37.43
C LYS A 204 -5.89 10.30 -38.83
N ALA A 205 -5.03 10.10 -39.81
CA ALA A 205 -5.32 10.53 -41.19
C ALA A 205 -6.48 9.73 -41.78
N ARG A 206 -6.65 8.50 -41.29
CA ARG A 206 -7.71 7.62 -41.74
C ARG A 206 -8.95 7.71 -40.87
N ASN A 207 -8.97 8.65 -39.93
CA ASN A 207 -10.11 8.81 -39.05
C ASN A 207 -10.36 7.54 -38.27
N ILE A 208 -9.28 6.81 -37.99
CA ILE A 208 -9.33 5.70 -37.06
C ILE A 208 -8.95 6.16 -35.65
N GLN A 209 -9.77 5.78 -34.67
CA GLN A 209 -9.58 6.22 -33.28
C GLN A 209 -8.28 5.67 -32.71
N ILE A 210 -7.48 6.57 -32.16
CA ILE A 210 -6.34 6.20 -31.34
C ILE A 210 -6.14 7.28 -30.33
N ASP A 211 -6.18 6.88 -29.07
CA ASP A 211 -6.23 7.85 -27.98
C ASP A 211 -4.88 8.09 -27.33
N GLY A 212 -3.98 7.13 -27.44
CA GLY A 212 -2.74 7.20 -26.67
C GLY A 212 -1.69 6.22 -27.12
N VAL A 213 -0.45 6.49 -26.68
CA VAL A 213 0.68 5.60 -26.82
C VAL A 213 1.27 5.29 -25.44
N GLY A 214 1.43 3.99 -25.20
CA GLY A 214 2.05 3.48 -24.03
C GLY A 214 3.53 3.31 -24.22
N LEU A 215 4.28 3.87 -23.29
CA LEU A 215 5.75 3.90 -23.32
C LEU A 215 6.21 2.91 -22.25
N GLU A 216 6.56 1.70 -22.63
CA GLU A 216 6.71 0.62 -21.66
C GLU A 216 7.69 0.95 -20.55
N SER A 217 8.85 1.46 -20.92
CA SER A 217 9.82 1.92 -19.96
C SER A 217 10.41 0.79 -19.13
N HIS A 218 10.69 -0.35 -19.78
CA HIS A 218 11.54 -1.39 -19.20
C HIS A 218 13.00 -1.00 -19.36
N PHE A 219 13.59 -0.44 -18.31
CA PHE A 219 14.90 0.18 -18.43
C PHE A 219 15.94 -0.58 -17.61
N ILE A 220 17.20 -0.33 -17.93
CA ILE A 220 18.35 -0.81 -17.16
C ILE A 220 18.96 0.42 -16.47
N ALA A 221 19.27 0.28 -15.19
CA ALA A 221 19.90 1.37 -14.41
C ALA A 221 21.14 1.89 -15.12
N GLY A 222 21.17 3.19 -15.39
CA GLY A 222 22.27 3.82 -16.11
C GLY A 222 22.08 3.95 -17.62
N GLU A 223 21.19 3.15 -18.20
CA GLU A 223 20.95 3.18 -19.64
C GLU A 223 19.64 3.94 -19.91
N THR A 224 18.84 4.16 -18.88
CA THR A 224 17.57 4.89 -18.98
C THR A 224 17.81 6.25 -19.65
N PRO A 225 16.94 6.65 -20.59
CA PRO A 225 17.11 7.99 -21.14
C PRO A 225 16.90 9.06 -20.05
N SER A 226 17.68 10.13 -20.15
CA SER A 226 17.56 11.20 -19.16
C SER A 226 16.13 11.72 -19.08
N GLN A 227 15.80 12.37 -17.97
CA GLN A 227 14.51 13.05 -17.85
C GLN A 227 14.25 13.98 -19.05
N ALA A 228 15.26 14.75 -19.44
CA ALA A 228 15.11 15.66 -20.56
C ALA A 228 14.81 14.93 -21.86
N THR A 229 15.49 13.81 -22.08
CA THR A 229 15.31 12.99 -23.27
C THR A 229 13.85 12.51 -23.31
N GLN A 230 13.34 12.04 -22.17
CA GLN A 230 11.97 11.57 -22.09
C GLN A 230 10.95 12.69 -22.25
N ILE A 231 11.27 13.89 -21.72
CA ILE A 231 10.38 15.03 -21.88
C ILE A 231 10.14 15.34 -23.36
N THR A 232 11.21 15.44 -24.14
CA THR A 232 11.04 15.85 -25.52
C THR A 232 10.43 14.71 -26.34
N ASN A 233 10.71 13.47 -25.95
CA ASN A 233 10.08 12.33 -26.64
C ASN A 233 8.57 12.31 -26.40
N MET A 234 8.19 12.46 -25.13
CA MET A 234 6.78 12.59 -24.78
C MET A 234 6.05 13.69 -25.53
N ALA A 235 6.71 14.84 -25.67
CA ALA A 235 6.11 15.95 -26.39
C ALA A 235 5.87 15.66 -27.86
N ASP A 236 6.79 14.91 -28.47
CA ASP A 236 6.65 14.50 -29.84
C ASP A 236 5.37 13.68 -30.05
N PHE A 237 5.08 12.78 -29.13
CA PHE A 237 3.81 12.03 -29.19
C PHE A 237 2.58 12.91 -28.92
N THR A 238 2.61 13.65 -27.83
CA THR A 238 1.42 14.39 -27.42
C THR A 238 1.03 15.49 -28.42
N SER A 239 2.00 15.97 -29.20
CA SER A 239 1.73 16.94 -30.27
C SER A 239 0.85 16.35 -31.36
N LEU A 240 0.73 15.02 -31.40
CA LEU A 240 -0.17 14.37 -32.35
C LEU A 240 -1.65 14.28 -31.87
N ASP A 241 -1.96 15.02 -30.81
CA ASP A 241 -3.29 15.06 -30.20
C ASP A 241 -3.67 13.71 -29.62
N ILE A 242 -2.76 13.14 -28.83
CA ILE A 242 -3.01 11.93 -28.09
C ILE A 242 -2.42 12.08 -26.71
N ASP A 243 -2.82 11.15 -25.84
CA ASP A 243 -2.18 11.00 -24.55
C ASP A 243 -0.99 10.05 -24.61
N VAL A 244 -0.11 10.14 -23.62
CA VAL A 244 0.81 9.07 -23.35
C VAL A 244 0.65 8.55 -21.93
N ALA A 245 1.15 7.34 -21.73
CA ALA A 245 1.29 6.79 -20.36
C ALA A 245 2.62 6.05 -20.28
N VAL A 246 3.19 6.03 -19.07
CA VAL A 246 4.31 5.18 -18.79
C VAL A 246 3.67 3.90 -18.28
N THR A 247 3.82 2.81 -19.03
CA THR A 247 2.97 1.64 -18.84
C THR A 247 3.55 0.42 -18.16
N GLU A 248 4.87 0.22 -18.19
CA GLU A 248 5.48 -0.99 -17.66
C GLU A 248 6.80 -0.74 -16.96
N LEU A 249 6.87 0.35 -16.21
CA LEU A 249 8.15 0.82 -15.71
C LEU A 249 8.78 -0.20 -14.74
N ASP A 250 10.03 -0.54 -15.00
CA ASP A 250 10.90 -1.12 -14.00
C ASP A 250 12.35 -0.80 -14.41
N VAL A 251 13.27 -0.81 -13.46
CA VAL A 251 14.63 -0.39 -13.71
C VAL A 251 15.53 -1.45 -13.10
N ARG A 252 15.93 -2.38 -13.97
CA ARG A 252 16.71 -3.53 -13.58
C ARG A 252 18.20 -3.24 -13.46
N LEU A 253 18.83 -3.98 -12.58
CA LEU A 253 20.29 -3.88 -12.35
C LEU A 253 20.97 -5.20 -12.68
N TYR A 254 22.27 -5.16 -12.94
CA TYR A 254 23.08 -6.38 -12.90
C TYR A 254 23.35 -6.84 -11.45
N LEU A 255 23.02 -8.09 -11.16
CA LEU A 255 23.07 -8.58 -9.80
C LEU A 255 24.52 -8.91 -9.45
N PRO A 256 24.93 -8.74 -8.19
CA PRO A 256 24.10 -8.16 -7.14
C PRO A 256 24.08 -6.64 -7.20
N PRO A 257 23.08 -6.03 -6.55
CA PRO A 257 23.17 -4.57 -6.50
C PRO A 257 24.37 -4.09 -5.69
N ASN A 258 24.78 -2.86 -5.96
CA ASN A 258 25.75 -2.16 -5.12
C ASN A 258 25.34 -0.71 -4.95
N ALA A 259 26.11 0.03 -4.16
CA ALA A 259 25.66 1.37 -3.81
C ALA A 259 25.56 2.23 -5.06
N THR A 260 26.43 2.01 -6.05
CA THR A 260 26.40 2.85 -7.23
C THR A 260 25.14 2.54 -8.06
N SER A 261 24.90 1.26 -8.30
CA SER A 261 23.80 0.87 -9.16
C SER A 261 22.45 1.08 -8.47
N GLU A 262 22.38 0.98 -7.15
CA GLU A 262 21.14 1.35 -6.48
C GLU A 262 20.86 2.85 -6.62
N ALA A 263 21.91 3.65 -6.52
CA ALA A 263 21.79 5.09 -6.66
C ALA A 263 21.37 5.45 -8.08
N GLN A 264 21.86 4.70 -9.06
CA GLN A 264 21.41 4.84 -10.43
C GLN A 264 19.93 4.55 -10.57
N GLN A 265 19.47 3.47 -9.96
CA GLN A 265 18.05 3.08 -10.01
C GLN A 265 17.15 4.22 -9.52
N VAL A 266 17.48 4.76 -8.34
CA VAL A 266 16.68 5.83 -7.77
C VAL A 266 16.57 7.00 -8.76
N ALA A 267 17.71 7.36 -9.33
CA ALA A 267 17.78 8.42 -10.33
C ALA A 267 16.95 8.13 -11.57
N ASP A 268 17.02 6.89 -12.05
CA ASP A 268 16.24 6.51 -13.24
C ASP A 268 14.71 6.41 -13.01
N TYR A 269 14.30 5.90 -11.85
CA TYR A 269 12.86 5.96 -11.46
C TYR A 269 12.43 7.42 -11.39
N TYR A 270 13.22 8.25 -10.72
CA TYR A 270 12.93 9.68 -10.63
C TYR A 270 12.78 10.32 -12.00
N ALA A 271 13.73 10.07 -12.87
CA ALA A 271 13.73 10.72 -14.19
C ALA A 271 12.47 10.40 -14.99
N THR A 272 12.05 9.13 -14.95
CA THR A 272 10.91 8.68 -15.74
C THR A 272 9.60 9.25 -15.17
N VAL A 273 9.46 9.18 -13.86
CA VAL A 273 8.27 9.75 -13.22
C VAL A 273 8.25 11.28 -13.38
N ALA A 274 9.41 11.91 -13.25
CA ALA A 274 9.48 13.38 -13.40
C ALA A 274 9.14 13.84 -14.81
N ALA A 275 9.54 13.03 -15.79
CA ALA A 275 9.22 13.33 -17.18
C ALA A 275 7.71 13.21 -17.42
N CYS A 276 7.10 12.17 -16.86
CA CYS A 276 5.61 12.13 -16.89
C CYS A 276 4.98 13.35 -16.22
N ALA A 277 5.44 13.68 -15.02
CA ALA A 277 4.91 14.82 -14.29
C ALA A 277 5.04 16.15 -15.04
N ALA A 278 6.05 16.26 -15.90
CA ALA A 278 6.30 17.51 -16.62
C ALA A 278 5.44 17.57 -17.89
N THR A 279 4.75 16.48 -18.19
CA THR A 279 4.02 16.31 -19.45
C THR A 279 2.51 16.33 -19.20
N GLU A 280 1.87 17.43 -19.60
CA GLU A 280 0.43 17.63 -19.35
C GLU A 280 -0.43 16.42 -19.75
N ARG A 281 -0.12 15.82 -20.90
CA ARG A 281 -0.94 14.72 -21.41
C ARG A 281 -0.34 13.33 -21.15
N CYS A 282 0.65 13.23 -20.25
CA CYS A 282 0.97 11.91 -19.69
C CYS A 282 -0.01 11.67 -18.55
N ILE A 283 -0.86 10.65 -18.73
CA ILE A 283 -1.98 10.45 -17.82
C ILE A 283 -1.59 9.64 -16.59
N GLY A 284 -0.40 9.07 -16.55
CA GLY A 284 -0.06 8.24 -15.42
C GLY A 284 1.17 7.34 -15.60
N ILE A 285 1.62 6.81 -14.49
CA ILE A 285 2.73 5.89 -14.45
C ILE A 285 2.25 4.56 -13.87
N THR A 286 2.55 3.48 -14.57
CA THR A 286 2.40 2.12 -14.05
C THR A 286 3.75 1.38 -14.02
N VAL A 287 4.08 0.80 -12.87
CA VAL A 287 5.22 -0.07 -12.75
C VAL A 287 4.83 -1.50 -13.12
N TRP A 288 5.78 -2.25 -13.69
CA TRP A 288 5.51 -3.64 -14.08
C TRP A 288 5.71 -4.57 -12.89
N ASP A 289 4.75 -4.44 -11.97
CA ASP A 289 4.78 -5.03 -10.64
C ASP A 289 5.74 -4.31 -9.72
N PHE A 290 5.56 -4.51 -8.43
CA PHE A 290 6.18 -3.66 -7.44
C PHE A 290 7.00 -4.42 -6.45
N ASP A 291 7.06 -5.75 -6.58
CA ASP A 291 7.75 -6.58 -5.59
C ASP A 291 8.69 -7.54 -6.34
N ASP A 292 9.99 -7.44 -6.06
CA ASP A 292 11.00 -8.21 -6.77
C ASP A 292 10.69 -9.69 -6.78
N THR A 293 10.07 -10.17 -5.71
CA THR A 293 9.73 -11.58 -5.56
C THR A 293 9.01 -12.10 -6.81
N TYR A 294 8.12 -11.28 -7.39
CA TYR A 294 7.22 -11.69 -8.43
C TYR A 294 7.53 -11.01 -9.76
N SER A 295 8.63 -10.28 -9.81
CA SER A 295 9.02 -9.55 -11.01
C SER A 295 9.39 -10.53 -12.12
N TRP A 296 8.99 -10.20 -13.33
CA TRP A 296 9.39 -10.95 -14.52
C TRP A 296 10.87 -10.90 -14.85
N VAL A 297 11.59 -9.99 -14.22
CA VAL A 297 12.89 -9.63 -14.76
C VAL A 297 13.93 -10.77 -14.70
N PRO A 298 14.12 -11.37 -13.52
CA PRO A 298 15.24 -12.31 -13.39
C PRO A 298 15.08 -13.59 -14.17
N SER A 299 13.88 -13.87 -14.69
CA SER A 299 13.64 -14.99 -15.61
C SER A 299 13.99 -14.67 -17.05
N THR A 300 14.00 -13.39 -17.37
CA THR A 300 13.97 -12.95 -18.74
C THR A 300 15.29 -12.31 -19.13
N PHE A 301 15.98 -11.75 -18.13
CA PHE A 301 17.27 -11.11 -18.33
C PHE A 301 18.25 -11.76 -17.32
N ALA A 302 18.97 -12.79 -17.78
CA ALA A 302 19.78 -13.58 -16.85
C ALA A 302 20.83 -12.69 -16.23
N GLY A 303 21.03 -12.90 -14.94
CA GLY A 303 21.91 -12.09 -14.10
C GLY A 303 21.46 -10.65 -13.84
N GLN A 304 20.22 -10.33 -14.15
CA GLN A 304 19.62 -9.02 -13.81
C GLN A 304 18.40 -9.19 -12.93
N GLY A 305 18.11 -8.16 -12.15
CA GLY A 305 16.99 -8.20 -11.25
C GLY A 305 16.88 -6.93 -10.43
N TYR A 306 16.38 -7.08 -9.21
CA TYR A 306 16.27 -5.98 -8.24
C TYR A 306 15.52 -4.78 -8.84
N ALA A 307 14.55 -5.04 -9.73
CA ALA A 307 14.04 -4.00 -10.61
C ALA A 307 12.86 -3.17 -10.07
N ASP A 308 12.28 -3.57 -8.94
CA ASP A 308 10.99 -3.01 -8.47
C ASP A 308 11.14 -2.19 -7.17
N LEU A 309 10.05 -1.57 -6.75
CA LEU A 309 10.04 -0.58 -5.65
C LEU A 309 10.14 -1.20 -4.27
N PHE A 310 9.80 -2.49 -4.15
CA PHE A 310 9.83 -3.21 -2.88
C PHE A 310 10.46 -4.58 -3.11
N PHE A 311 10.90 -5.21 -2.02
CA PHE A 311 11.35 -6.59 -2.08
C PHE A 311 11.11 -7.26 -0.75
N GLN A 312 11.22 -8.59 -0.73
CA GLN A 312 11.03 -9.37 0.50
C GLN A 312 12.32 -10.15 0.79
N PRO A 313 13.12 -9.69 1.74
CA PRO A 313 14.38 -10.41 1.95
C PRO A 313 14.17 -11.85 2.41
N ASP A 314 13.02 -12.16 3.02
CA ASP A 314 12.73 -13.55 3.41
C ASP A 314 11.71 -14.29 2.52
N GLY A 315 11.51 -13.81 1.30
CA GLY A 315 10.74 -14.56 0.31
C GLY A 315 9.23 -14.32 0.36
N PRO A 316 8.48 -15.08 -0.46
CA PRO A 316 7.04 -14.95 -0.53
C PRO A 316 6.38 -15.05 0.85
N ASN A 317 5.34 -14.25 1.08
CA ASN A 317 4.54 -14.31 2.30
C ASN A 317 5.33 -13.88 3.53
N THR A 318 6.31 -13.02 3.32
CA THR A 318 7.01 -12.35 4.43
C THR A 318 7.03 -10.83 4.18
N PRO A 319 7.41 -10.05 5.20
CA PRO A 319 7.19 -8.61 5.03
C PRO A 319 7.97 -7.98 3.88
N LEU A 320 7.41 -6.87 3.40
CA LEU A 320 7.97 -6.10 2.31
C LEU A 320 9.00 -5.15 2.88
N VAL A 321 9.97 -4.80 2.06
CA VAL A 321 10.88 -3.71 2.37
C VAL A 321 10.79 -2.71 1.23
N LYS A 322 10.53 -1.47 1.58
CA LYS A 322 10.43 -0.38 0.63
C LYS A 322 11.86 0.06 0.27
N LYS A 323 12.12 0.21 -1.03
CA LYS A 323 13.43 0.63 -1.50
C LYS A 323 13.49 2.15 -1.64
N ALA A 324 14.72 2.67 -1.63
CA ALA A 324 14.95 4.09 -1.94
C ALA A 324 14.32 4.49 -3.30
N ALA A 325 14.22 3.55 -4.25
CA ALA A 325 13.54 3.84 -5.54
C ALA A 325 12.13 4.41 -5.38
N TYR A 326 11.45 3.98 -4.31
CA TYR A 326 10.10 4.43 -4.04
C TYR A 326 10.16 5.93 -3.80
N ASP A 327 11.13 6.36 -3.01
CA ASP A 327 11.22 7.79 -2.71
C ASP A 327 11.57 8.63 -3.92
N GLY A 328 12.34 8.03 -4.84
CA GLY A 328 12.62 8.65 -6.15
C GLY A 328 11.34 8.98 -6.90
N CYS A 329 10.43 8.01 -6.94
CA CYS A 329 9.10 8.23 -7.52
C CYS A 329 8.33 9.35 -6.80
N LEU A 330 8.29 9.29 -5.48
CA LEU A 330 7.50 10.24 -4.73
C LEU A 330 8.03 11.67 -4.87
N GLN A 331 9.35 11.82 -4.83
CA GLN A 331 10.00 13.12 -4.97
C GLN A 331 9.71 13.66 -6.34
N ALA A 332 9.70 12.79 -7.35
CA ALA A 332 9.44 13.27 -8.73
C ALA A 332 8.05 13.87 -8.81
N LEU A 333 7.11 13.34 -8.03
CA LEU A 333 5.75 13.85 -8.06
C LEU A 333 5.55 15.10 -7.21
N GLN A 334 6.32 15.28 -6.16
CA GLN A 334 6.09 16.44 -5.25
C GLN A 334 6.49 17.75 -5.93
N TRP B 1 14.68 -10.87 35.94
CA TRP B 1 14.03 -9.54 36.20
C TRP B 1 14.02 -8.70 34.93
N GLY B 2 12.83 -8.34 34.46
CA GLY B 2 12.68 -7.66 33.17
C GLY B 2 11.90 -6.36 33.24
N LEU B 3 11.58 -5.85 32.05
CA LEU B 3 10.96 -4.54 31.92
C LEU B 3 9.62 -4.48 32.60
N ASN B 4 8.86 -5.57 32.53
CA ASN B 4 7.52 -5.57 33.10
C ASN B 4 7.59 -5.67 34.62
N ASN B 5 8.55 -6.44 35.13
CA ASN B 5 8.77 -6.47 36.58
C ASN B 5 9.13 -5.06 37.08
N ALA B 6 10.04 -4.42 36.35
CA ALA B 6 10.49 -3.08 36.71
C ALA B 6 9.37 -2.03 36.61
N ALA B 7 8.55 -2.11 35.58
CA ALA B 7 7.45 -1.18 35.41
C ALA B 7 6.42 -1.36 36.51
N ARG B 8 6.10 -2.61 36.82
CA ARG B 8 5.11 -2.92 37.88
C ARG B 8 5.66 -2.47 39.25
N ALA B 9 6.98 -2.54 39.45
CA ALA B 9 7.59 -2.09 40.71
C ALA B 9 7.52 -0.58 40.88
N ASP B 10 7.36 0.10 39.75
CA ASP B 10 7.27 1.55 39.70
C ASP B 10 5.82 2.03 39.69
N GLY B 11 4.86 1.15 39.95
CA GLY B 11 3.46 1.56 40.00
C GLY B 11 2.70 1.52 38.68
N LYS B 12 3.37 1.13 37.61
CA LYS B 12 2.73 0.99 36.29
C LYS B 12 1.93 -0.30 36.20
N LEU B 13 0.94 -0.32 35.30
CA LEU B 13 0.19 -1.56 35.02
C LEU B 13 0.94 -2.57 34.17
N TRP B 14 1.86 -2.12 33.31
CA TRP B 14 2.64 -3.01 32.45
C TRP B 14 3.84 -2.31 31.80
N PHE B 15 4.80 -3.13 31.41
CA PHE B 15 5.52 -2.91 30.15
C PHE B 15 4.98 -3.87 29.11
N GLY B 16 4.70 -3.35 27.92
CA GLY B 16 3.96 -4.07 26.94
C GLY B 16 4.56 -4.02 25.57
N THR B 17 4.05 -4.90 24.70
CA THR B 17 4.41 -4.90 23.28
C THR B 17 3.22 -5.24 22.41
N ALA B 18 3.11 -4.53 21.31
CA ALA B 18 2.23 -4.99 20.24
C ALA B 18 2.79 -6.27 19.64
N ALA B 19 1.90 -6.99 18.96
CA ALA B 19 2.30 -8.16 18.16
C ALA B 19 1.30 -8.34 17.04
N ASP B 20 1.81 -8.74 15.88
CA ASP B 20 0.96 -8.97 14.71
C ASP B 20 0.50 -10.43 14.71
N ILE B 21 -0.34 -10.75 15.67
CA ILE B 21 -0.73 -12.13 15.96
C ILE B 21 -2.24 -12.14 15.90
N PRO B 22 -2.87 -13.11 15.23
CA PRO B 22 -2.23 -14.21 14.56
C PRO B 22 -1.46 -13.82 13.30
N GLY B 23 -0.35 -14.50 13.09
CA GLY B 23 0.46 -14.31 11.91
C GLY B 23 1.76 -15.04 12.01
N LEU B 24 2.63 -14.71 11.06
CA LEU B 24 3.98 -15.21 10.90
C LEU B 24 4.79 -15.30 12.21
N GLU B 25 4.65 -14.30 13.08
CA GLU B 25 5.38 -14.30 14.36
C GLU B 25 5.12 -15.58 15.18
N GLN B 26 3.92 -16.12 15.07
CA GLN B 26 3.60 -17.35 15.82
C GLN B 26 4.46 -18.53 15.40
N ASP B 27 5.03 -18.47 14.19
CA ASP B 27 5.93 -19.54 13.70
C ASP B 27 7.40 -19.36 14.02
N ASP B 28 7.72 -18.30 14.76
CA ASP B 28 9.09 -18.03 15.14
C ASP B 28 9.23 -18.29 16.62
N ARG B 29 9.93 -19.38 16.93
CA ARG B 29 9.97 -19.87 18.33
C ARG B 29 10.76 -18.98 19.26
N TYR B 30 11.74 -18.28 18.68
CA TYR B 30 12.54 -17.33 19.46
C TYR B 30 11.79 -16.02 19.72
N TYR B 31 11.05 -15.55 18.71
CA TYR B 31 10.09 -14.47 18.94
C TYR B 31 9.06 -14.81 20.02
N MET B 32 8.41 -15.98 19.93
CA MET B 32 7.32 -16.27 20.83
C MET B 32 7.80 -16.53 22.24
N LYS B 33 9.00 -17.06 22.36
CA LYS B 33 9.61 -17.27 23.72
C LYS B 33 9.77 -15.94 24.45
N GLU B 34 10.22 -14.93 23.72
CA GLU B 34 10.27 -13.55 24.30
C GLU B 34 8.91 -12.88 24.47
N TYR B 35 8.00 -13.11 23.53
CA TYR B 35 6.67 -12.52 23.62
C TYR B 35 6.03 -13.01 24.90
N ASN B 36 6.16 -14.31 25.12
CA ASN B 36 5.53 -14.98 26.28
C ASN B 36 6.28 -14.72 27.59
N ASN B 37 7.37 -13.94 27.54
CA ASN B 37 8.16 -13.68 28.72
C ASN B 37 7.53 -12.57 29.56
N THR B 38 6.82 -12.95 30.63
CA THR B 38 6.07 -12.01 31.39
C THR B 38 7.02 -11.10 32.18
N HIS B 39 8.27 -11.52 32.35
CA HIS B 39 9.25 -10.63 32.98
C HIS B 39 9.46 -9.36 32.17
N ASP B 40 9.32 -9.47 30.86
CA ASP B 40 9.46 -8.32 29.97
C ASP B 40 8.13 -7.69 29.56
N PHE B 41 7.11 -8.52 29.31
CA PHE B 41 5.87 -8.04 28.76
C PHE B 41 4.65 -8.54 29.55
N GLY B 42 4.02 -7.61 30.28
CA GLY B 42 2.75 -7.86 30.94
C GLY B 42 1.57 -7.16 30.34
N GLY B 43 1.75 -6.61 29.13
CA GLY B 43 0.66 -6.01 28.42
C GLY B 43 0.93 -6.21 26.94
N THR B 44 -0.14 -6.21 26.16
CA THR B 44 0.00 -6.35 24.70
C THR B 44 -1.14 -5.64 23.99
N THR B 45 -0.93 -5.38 22.71
CA THR B 45 -1.93 -4.76 21.84
C THR B 45 -1.87 -5.53 20.52
N PRO B 46 -3.06 -5.86 19.95
CA PRO B 46 -3.04 -6.57 18.68
C PRO B 46 -2.75 -5.57 17.55
N ALA B 47 -1.75 -5.85 16.72
CA ALA B 47 -1.32 -4.90 15.67
C ALA B 47 -2.38 -4.72 14.58
N ASN B 48 -3.17 -5.76 14.31
CA ASN B 48 -4.13 -5.73 13.17
C ASN B 48 -5.48 -6.41 13.39
N ILE B 49 -5.53 -7.48 14.17
CA ILE B 49 -6.68 -8.40 14.09
C ILE B 49 -7.99 -7.88 14.71
N MET B 50 -7.93 -6.79 15.47
CA MET B 50 -9.13 -6.20 16.02
C MET B 50 -9.63 -4.99 15.27
N LYS B 51 -8.98 -4.66 14.16
CA LYS B 51 -9.44 -3.55 13.36
C LYS B 51 -10.73 -3.86 12.60
N PHE B 52 -11.33 -2.81 12.05
CA PHE B 52 -12.67 -2.86 11.43
C PHE B 52 -12.77 -3.92 10.33
N MET B 53 -11.78 -3.98 9.43
CA MET B 53 -11.92 -4.87 8.27
C MET B 53 -11.94 -6.34 8.70
N PHE B 54 -11.32 -6.62 9.84
CA PHE B 54 -11.23 -7.98 10.33
C PHE B 54 -12.43 -8.39 11.19
N THR B 55 -12.97 -7.43 11.92
CA THR B 55 -14.04 -7.70 12.88
C THR B 55 -15.44 -7.52 12.29
N GLU B 56 -15.56 -6.79 11.18
CA GLU B 56 -16.86 -6.65 10.51
C GLU B 56 -16.62 -6.73 8.99
N PRO B 57 -16.22 -7.91 8.50
CA PRO B 57 -15.80 -8.03 7.09
C PRO B 57 -16.94 -7.84 6.11
N GLU B 58 -18.18 -8.02 6.56
CA GLU B 58 -19.35 -7.52 5.86
C GLU B 58 -20.28 -6.86 6.86
N GLN B 59 -21.20 -6.05 6.37
CA GLN B 59 -22.01 -5.21 7.23
C GLN B 59 -22.87 -6.04 8.20
N ASN B 60 -22.66 -5.85 9.50
CA ASN B 60 -23.40 -6.62 10.50
C ASN B 60 -23.10 -8.11 10.47
N VAL B 61 -22.03 -8.52 9.80
CA VAL B 61 -21.49 -9.82 10.03
C VAL B 61 -20.14 -9.65 10.70
N PHE B 62 -20.10 -9.96 11.98
CA PHE B 62 -18.87 -9.83 12.77
C PHE B 62 -18.07 -11.14 12.73
N ASN B 63 -16.74 -11.02 12.72
CA ASN B 63 -15.85 -12.15 12.94
C ASN B 63 -14.89 -11.81 14.11
N PHE B 64 -15.02 -12.56 15.18
CA PHE B 64 -14.28 -12.36 16.42
C PHE B 64 -13.17 -13.42 16.58
N THR B 65 -13.14 -14.42 15.71
CA THR B 65 -12.27 -15.57 15.88
C THR B 65 -10.77 -15.22 16.03
N GLY B 66 -10.25 -14.45 15.08
CA GLY B 66 -8.86 -14.02 15.15
C GLY B 66 -8.58 -13.22 16.41
N ALA B 67 -9.44 -12.27 16.72
CA ALA B 67 -9.28 -11.47 17.94
C ALA B 67 -9.28 -12.36 19.17
N GLN B 68 -10.18 -13.34 19.18
CA GLN B 68 -10.28 -14.20 20.35
C GLN B 68 -9.01 -15.05 20.48
N GLU B 69 -8.43 -15.44 19.33
CA GLU B 69 -7.17 -16.20 19.32
C GLU B 69 -6.08 -15.33 19.96
N PHE B 70 -6.02 -14.06 19.55
CA PHE B 70 -5.05 -13.13 20.14
C PHE B 70 -5.26 -13.06 21.65
N LEU B 71 -6.50 -12.82 22.06
CA LEU B 71 -6.80 -12.66 23.49
C LEU B 71 -6.43 -13.87 24.30
N ASP B 72 -6.65 -15.06 23.72
CA ASP B 72 -6.30 -16.31 24.40
C ASP B 72 -4.80 -16.45 24.57
N ILE B 73 -4.05 -16.09 23.55
CA ILE B 73 -2.58 -16.14 23.64
C ILE B 73 -2.08 -15.15 24.70
N ALA B 74 -2.66 -13.96 24.69
CA ALA B 74 -2.31 -12.95 25.68
C ALA B 74 -2.61 -13.40 27.10
N PHE B 75 -3.78 -14.02 27.28
CA PHE B 75 -4.20 -14.53 28.62
C PHE B 75 -3.24 -15.60 29.17
N ALA B 76 -2.68 -16.42 28.27
CA ALA B 76 -1.76 -17.47 28.67
C ALA B 76 -0.48 -16.96 29.38
N SER B 77 0.02 -15.79 29.01
CA SER B 77 1.13 -15.17 29.74
C SER B 77 0.72 -13.94 30.57
N HIS B 78 -0.53 -13.90 30.98
CA HIS B 78 -0.98 -12.98 32.03
C HIS B 78 -0.84 -11.53 31.57
N LYS B 79 -1.14 -11.24 30.31
CA LYS B 79 -1.05 -9.88 29.78
C LYS B 79 -2.38 -9.14 29.84
N LEU B 80 -2.34 -7.90 30.32
CA LEU B 80 -3.43 -6.94 30.10
C LEU B 80 -3.42 -6.41 28.65
N VAL B 81 -4.61 -6.27 28.08
CA VAL B 81 -4.76 -6.02 26.64
C VAL B 81 -5.37 -4.65 26.37
N ARG B 82 -4.66 -3.90 25.53
CA ARG B 82 -5.16 -2.65 24.99
C ARG B 82 -5.78 -3.03 23.66
N CYS B 83 -7.09 -3.14 23.64
CA CYS B 83 -7.75 -3.55 22.40
C CYS B 83 -7.71 -2.34 21.48
N HIS B 84 -7.51 -2.61 20.20
CA HIS B 84 -7.17 -1.58 19.23
C HIS B 84 -7.62 -2.05 17.83
N ASN B 85 -8.40 -1.25 17.12
CA ASN B 85 -9.10 -0.08 17.57
C ASN B 85 -10.49 -0.16 16.92
N LEU B 86 -11.40 0.73 17.32
CA LEU B 86 -12.80 0.70 16.84
C LEU B 86 -13.00 1.56 15.59
N ILE B 87 -12.84 2.89 15.71
CA ILE B 87 -13.01 3.81 14.56
C ILE B 87 -11.68 4.47 14.15
N TRP B 88 -11.31 4.26 12.90
CA TRP B 88 -10.04 4.71 12.31
C TRP B 88 -10.28 4.91 10.81
N GLN B 89 -9.56 5.85 10.20
CA GLN B 89 -9.75 6.11 8.77
C GLN B 89 -9.33 4.98 7.85
N SER B 90 -8.35 4.17 8.25
CA SER B 90 -7.68 3.24 7.34
C SER B 90 -8.16 1.81 7.56
N GLU B 91 -7.69 0.90 6.73
CA GLU B 91 -7.90 -0.53 6.99
C GLU B 91 -9.42 -0.78 7.14
N LEU B 92 -10.19 -0.17 6.25
CA LEU B 92 -11.65 -0.36 6.24
C LEU B 92 -12.03 -1.28 5.09
N PRO B 93 -13.03 -2.13 5.33
CA PRO B 93 -13.47 -3.12 4.35
C PRO B 93 -14.18 -2.48 3.15
N THR B 94 -14.15 -3.17 2.00
CA THR B 94 -14.64 -2.53 0.76
C THR B 94 -16.15 -2.33 0.79
N TRP B 95 -16.86 -3.02 1.68
CA TRP B 95 -18.27 -2.67 1.92
C TRP B 95 -18.49 -1.29 2.55
N VAL B 96 -17.46 -0.67 3.12
CA VAL B 96 -17.52 0.70 3.68
C VAL B 96 -16.88 1.75 2.74
N THR B 97 -15.75 1.40 2.12
CA THR B 97 -14.99 2.32 1.23
C THR B 97 -15.59 2.33 -0.17
N ASN B 98 -16.07 1.19 -0.63
CA ASN B 98 -16.61 1.07 -1.98
C ASN B 98 -18.07 0.63 -1.94
N PRO B 99 -18.93 1.44 -1.29
CA PRO B 99 -20.31 1.03 -1.13
C PRO B 99 -21.11 0.96 -2.46
N THR B 100 -22.09 0.06 -2.46
CA THR B 100 -23.03 -0.09 -3.57
C THR B 100 -23.79 1.23 -3.78
N THR B 101 -24.20 1.85 -2.66
CA THR B 101 -24.82 3.17 -2.69
C THR B 101 -24.15 4.09 -1.67
N ASN B 102 -24.28 5.41 -1.86
CA ASN B 102 -23.62 6.40 -1.02
C ASN B 102 -24.08 6.31 0.43
N TRP B 103 -23.12 6.34 1.37
CA TRP B 103 -23.39 6.63 2.78
C TRP B 103 -24.03 8.00 2.88
N THR B 104 -24.93 8.14 3.86
CA THR B 104 -25.34 9.45 4.36
C THR B 104 -24.96 9.53 5.83
N ASN B 105 -25.18 10.68 6.45
CA ASN B 105 -24.90 10.87 7.86
C ASN B 105 -25.56 9.72 8.66
N GLU B 106 -26.86 9.56 8.47
CA GLU B 106 -27.64 8.57 9.21
C GLU B 106 -27.10 7.15 9.02
N THR B 107 -26.94 6.71 7.79
CA THR B 107 -26.59 5.32 7.55
C THR B 107 -25.15 5.01 8.03
N LEU B 108 -24.24 5.99 7.98
CA LEU B 108 -22.87 5.75 8.40
C LEU B 108 -22.76 5.77 9.91
N SER B 109 -23.46 6.73 10.52
CA SER B 109 -23.56 6.83 11.97
C SER B 109 -24.00 5.52 12.59
N LYS B 110 -24.98 4.86 11.98
CA LYS B 110 -25.46 3.61 12.54
C LYS B 110 -24.43 2.50 12.33
N VAL B 111 -23.65 2.60 11.26
CA VAL B 111 -22.56 1.67 11.03
C VAL B 111 -21.56 1.85 12.16
N LEU B 112 -21.31 3.11 12.52
CA LEU B 112 -20.28 3.45 13.52
C LEU B 112 -20.78 2.97 14.87
N GLN B 113 -22.01 3.38 15.19
CA GLN B 113 -22.64 3.06 16.46
C GLN B 113 -22.67 1.56 16.66
N ASN B 114 -23.01 0.83 15.62
CA ASN B 114 -23.17 -0.62 15.72
C ASN B 114 -21.83 -1.30 15.88
N HIS B 115 -20.82 -0.85 15.14
CA HIS B 115 -19.48 -1.41 15.25
C HIS B 115 -18.94 -1.28 16.67
N VAL B 116 -19.01 -0.05 17.18
CA VAL B 116 -18.44 0.33 18.47
C VAL B 116 -19.17 -0.41 19.58
N TYR B 117 -20.50 -0.35 19.55
CA TYR B 117 -21.27 -0.98 20.60
C TYR B 117 -21.12 -2.50 20.57
N THR B 118 -21.17 -3.15 19.42
CA THR B 118 -21.06 -4.61 19.48
C THR B 118 -19.65 -5.13 19.83
N LEU B 119 -18.60 -4.45 19.40
CA LEU B 119 -17.26 -4.90 19.76
C LEU B 119 -16.99 -4.73 21.26
N VAL B 120 -17.43 -3.61 21.82
CA VAL B 120 -17.17 -3.33 23.22
C VAL B 120 -17.98 -4.30 24.09
N SER B 121 -19.27 -4.40 23.80
CA SER B 121 -20.13 -5.39 24.43
C SER B 121 -19.55 -6.79 24.32
N HIS B 122 -19.13 -7.18 23.13
CA HIS B 122 -18.77 -8.56 22.89
C HIS B 122 -17.60 -8.99 23.74
N PHE B 123 -16.53 -8.20 23.69
CA PHE B 123 -15.27 -8.58 24.34
C PHE B 123 -15.24 -8.21 25.81
N GLY B 124 -16.11 -7.31 26.23
CA GLY B 124 -16.28 -7.00 27.66
C GLY B 124 -14.94 -6.75 28.32
N ASP B 125 -14.70 -7.34 29.47
CA ASP B 125 -13.51 -7.01 30.24
C ASP B 125 -12.32 -7.87 29.88
N GLN B 126 -12.38 -8.58 28.75
CA GLN B 126 -11.20 -9.17 28.17
C GLN B 126 -10.22 -8.06 27.81
N CYS B 127 -10.77 -6.87 27.55
CA CYS B 127 -9.99 -5.69 27.21
C CYS B 127 -9.77 -4.81 28.46
N TYR B 128 -8.53 -4.38 28.71
CA TYR B 128 -8.30 -3.37 29.75
C TYR B 128 -8.85 -2.06 29.26
N SER B 129 -8.65 -1.80 27.95
CA SER B 129 -9.12 -0.56 27.35
C SER B 129 -9.41 -0.79 25.89
N TRP B 130 -10.13 0.17 25.28
CA TRP B 130 -10.28 0.24 23.82
C TRP B 130 -9.71 1.57 23.37
N ASP B 131 -8.99 1.54 22.25
CA ASP B 131 -8.73 2.74 21.48
C ASP B 131 -9.96 3.01 20.60
N VAL B 132 -10.82 3.89 21.08
CA VAL B 132 -12.19 3.98 20.60
C VAL B 132 -12.15 4.76 19.32
N VAL B 133 -11.38 5.84 19.36
CA VAL B 133 -11.02 6.56 18.13
C VAL B 133 -9.52 6.74 18.02
N ASN B 134 -9.03 6.43 16.82
CA ASN B 134 -7.61 6.46 16.55
C ASN B 134 -7.35 7.53 15.49
N GLU B 135 -6.54 8.53 15.82
CA GLU B 135 -5.88 9.38 14.81
C GLU B 135 -6.91 10.28 14.10
N ALA B 136 -7.73 10.96 14.90
CA ALA B 136 -8.78 11.82 14.36
C ALA B 136 -8.24 13.17 13.92
N LEU B 137 -7.00 13.47 14.25
CA LEU B 137 -6.48 14.83 14.10
C LEU B 137 -5.52 14.91 12.93
N SER B 138 -5.58 16.03 12.21
CA SER B 138 -4.69 16.29 11.06
C SER B 138 -3.28 16.70 11.50
N ASP B 139 -2.31 16.45 10.62
CA ASP B 139 -0.98 17.06 10.70
C ASP B 139 -0.87 18.39 9.94
N ASP B 140 -1.88 18.71 9.12
CA ASP B 140 -1.74 19.78 8.12
C ASP B 140 -3.10 20.36 7.69
N PRO B 141 -3.52 21.49 8.27
CA PRO B 141 -2.84 22.14 9.39
C PRO B 141 -2.99 21.34 10.68
N ALA B 142 -2.02 21.50 11.58
CA ALA B 142 -1.92 20.61 12.72
C ALA B 142 -3.18 20.60 13.60
N GLY B 143 -3.66 21.78 14.02
CA GLY B 143 -4.89 21.84 14.84
C GLY B 143 -6.07 20.93 14.47
N SER B 144 -6.29 20.73 13.17
CA SER B 144 -7.64 20.54 12.64
C SER B 144 -8.07 19.07 12.67
N TYR B 145 -9.33 18.76 12.33
CA TYR B 145 -9.72 17.36 12.16
C TYR B 145 -9.23 16.79 10.83
N GLN B 146 -8.94 15.50 10.86
CA GLN B 146 -8.48 14.75 9.69
C GLN B 146 -9.69 14.46 8.83
N ASN B 147 -9.57 14.68 7.51
CA ASN B 147 -10.59 14.25 6.57
C ASN B 147 -10.57 12.74 6.45
N ASN B 148 -11.71 12.12 6.71
CA ASN B 148 -11.88 10.68 6.47
C ASN B 148 -13.35 10.37 6.27
N ILE B 149 -13.68 9.11 5.97
CA ILE B 149 -15.07 8.77 5.62
C ILE B 149 -16.00 9.11 6.79
N TRP B 150 -15.51 8.94 8.03
CA TRP B 150 -16.33 9.26 9.20
C TRP B 150 -16.56 10.77 9.27
N PHE B 151 -15.47 11.55 9.25
CA PHE B 151 -15.57 12.99 9.44
C PHE B 151 -16.29 13.66 8.27
N ASP B 152 -16.00 13.21 7.07
CA ASP B 152 -16.59 13.83 5.86
C ASP B 152 -18.11 13.61 5.87
N THR B 153 -18.55 12.42 6.27
CA THR B 153 -19.95 12.03 6.19
C THR B 153 -20.73 12.48 7.43
N ILE B 154 -20.13 12.32 8.60
CA ILE B 154 -20.81 12.50 9.88
C ILE B 154 -20.49 13.83 10.56
N GLY B 155 -19.35 14.43 10.21
CA GLY B 155 -18.91 15.68 10.84
C GLY B 155 -18.03 15.38 12.03
N PRO B 156 -17.53 16.43 12.71
CA PRO B 156 -16.66 16.31 13.89
C PRO B 156 -17.31 15.54 15.03
N GLU B 157 -18.64 15.46 14.99
CA GLU B 157 -19.38 14.76 16.03
C GLU B 157 -19.10 13.27 16.10
N TYR B 158 -18.57 12.68 15.03
CA TYR B 158 -18.28 11.24 15.03
C TYR B 158 -17.39 10.84 16.21
N VAL B 159 -16.55 11.74 16.68
CA VAL B 159 -15.66 11.36 17.78
C VAL B 159 -16.46 11.21 19.06
N ALA B 160 -17.23 12.23 19.44
CA ALA B 160 -18.05 12.19 20.66
C ALA B 160 -19.05 11.04 20.59
N MET B 161 -19.56 10.80 19.39
CA MET B 161 -20.45 9.66 19.11
C MET B 161 -19.81 8.31 19.43
N ALA B 162 -18.61 8.05 18.92
CA ALA B 162 -17.94 6.78 19.18
C ALA B 162 -17.79 6.54 20.69
N PHE B 163 -17.44 7.58 21.45
CA PHE B 163 -17.18 7.43 22.88
C PHE B 163 -18.53 7.24 23.60
N GLU B 164 -19.54 7.93 23.11
CA GLU B 164 -20.87 7.86 23.70
C GLU B 164 -21.42 6.44 23.60
N TYR B 165 -21.25 5.82 22.43
CA TYR B 165 -21.72 4.46 22.19
C TYR B 165 -20.82 3.39 22.81
N ALA B 166 -19.55 3.71 23.00
CA ALA B 166 -18.70 2.85 23.82
C ALA B 166 -19.13 2.90 25.29
N GLU B 167 -19.38 4.10 25.79
CA GLU B 167 -19.86 4.29 27.18
C GLU B 167 -21.18 3.56 27.42
N LYS B 168 -22.08 3.62 26.43
CA LYS B 168 -23.34 2.88 26.50
C LYS B 168 -23.12 1.41 26.74
N ALA B 169 -22.23 0.82 25.96
CA ALA B 169 -21.86 -0.57 26.10
C ALA B 169 -21.30 -0.86 27.48
N VAL B 170 -20.43 0.02 27.99
CA VAL B 170 -19.82 -0.32 29.27
C VAL B 170 -20.88 -0.25 30.33
N LYS B 171 -21.77 0.74 30.24
CA LYS B 171 -22.84 0.89 31.24
C LYS B 171 -23.86 -0.24 31.18
N ASP B 172 -24.27 -0.61 29.96
CA ASP B 172 -25.25 -1.70 29.78
C ASP B 172 -24.73 -3.00 30.37
N HIS B 173 -23.46 -3.31 30.17
CA HIS B 173 -22.92 -4.61 30.54
C HIS B 173 -22.00 -4.55 31.77
N LYS B 174 -22.01 -3.42 32.47
CA LYS B 174 -21.35 -3.28 33.77
C LYS B 174 -19.86 -3.57 33.64
N LEU B 175 -19.22 -2.96 32.64
CA LEU B 175 -17.82 -3.21 32.32
C LEU B 175 -16.88 -2.23 33.02
N ASN B 176 -15.63 -2.65 33.15
CA ASN B 176 -14.54 -1.84 33.69
C ASN B 176 -13.68 -1.26 32.58
N VAL B 177 -13.94 -1.64 31.33
CA VAL B 177 -13.09 -1.22 30.21
C VAL B 177 -12.85 0.30 30.21
N LYS B 178 -11.60 0.71 30.01
CA LYS B 178 -11.28 2.12 29.89
C LYS B 178 -11.37 2.57 28.43
N LEU B 179 -11.82 3.81 28.23
CA LEU B 179 -12.01 4.33 26.91
C LEU B 179 -10.93 5.37 26.58
N TYR B 180 -10.12 5.07 25.56
CA TYR B 180 -8.96 5.89 25.22
C TYR B 180 -9.16 6.55 23.85
N TYR B 181 -8.64 7.77 23.70
CA TYR B 181 -8.31 8.33 22.37
C TYR B 181 -6.81 8.14 22.13
N ASN B 182 -6.41 7.77 20.92
CA ASN B 182 -5.02 7.42 20.60
C ASN B 182 -4.56 8.13 19.34
N ASP B 183 -3.36 8.70 19.40
CA ASP B 183 -2.85 9.52 18.28
C ASP B 183 -1.36 9.67 18.34
N TYR B 184 -0.78 10.04 17.20
CA TYR B 184 0.66 10.35 17.09
C TYR B 184 0.90 11.84 16.89
N ASN B 185 2.15 12.26 17.10
CA ASN B 185 2.51 13.69 17.06
C ASN B 185 1.76 14.57 18.08
N ILE B 186 1.33 13.95 19.18
CA ILE B 186 0.76 14.65 20.30
C ILE B 186 1.59 14.37 21.57
N GLU B 187 2.84 13.95 21.37
CA GLU B 187 3.75 13.57 22.48
C GLU B 187 4.57 14.79 22.93
N TYR B 188 4.35 15.92 22.26
CA TYR B 188 5.04 17.16 22.57
C TYR B 188 4.06 18.34 22.44
N PRO B 189 4.30 19.43 23.17
CA PRO B 189 3.41 20.57 23.06
C PRO B 189 3.35 21.15 21.65
N GLY B 190 2.13 21.54 21.23
CA GLY B 190 1.94 22.13 19.90
C GLY B 190 0.49 21.98 19.52
N PRO B 191 0.14 22.37 18.30
CA PRO B 191 -1.29 22.46 18.01
C PRO B 191 -2.00 21.11 18.04
N LYS B 192 -1.32 20.05 17.60
CA LYS B 192 -2.00 18.77 17.52
C LYS B 192 -2.26 18.25 18.92
N SER B 193 -1.26 18.37 19.81
CA SER B 193 -1.48 17.98 21.20
C SER B 193 -2.57 18.82 21.85
N THR B 194 -2.56 20.13 21.61
CA THR B 194 -3.58 21.01 22.18
C THR B 194 -4.98 20.64 21.71
N ALA B 195 -5.10 20.31 20.44
CA ALA B 195 -6.34 19.82 19.85
C ALA B 195 -6.83 18.52 20.50
N ALA B 196 -5.95 17.54 20.68
CA ALA B 196 -6.34 16.33 21.40
C ALA B 196 -6.77 16.65 22.84
N GLN B 197 -6.15 17.63 23.47
CA GLN B 197 -6.56 18.06 24.81
C GLN B 197 -7.96 18.63 24.74
N ASN B 198 -8.23 19.39 23.68
CA ASN B 198 -9.55 19.97 23.50
C ASN B 198 -10.63 18.90 23.27
N ILE B 199 -10.29 17.81 22.59
CA ILE B 199 -11.22 16.70 22.49
C ILE B 199 -11.61 16.20 23.87
N VAL B 200 -10.64 16.02 24.75
CA VAL B 200 -10.89 15.51 26.10
C VAL B 200 -11.75 16.48 26.87
N LYS B 201 -11.43 17.77 26.79
CA LYS B 201 -12.19 18.82 27.46
C LYS B 201 -13.64 18.86 26.97
N GLU B 202 -13.82 18.69 25.67
CA GLU B 202 -15.17 18.75 25.09
C GLU B 202 -15.99 17.58 25.60
N LEU B 203 -15.42 16.37 25.56
CA LEU B 203 -16.14 15.19 26.03
C LEU B 203 -16.50 15.25 27.50
N LYS B 204 -15.54 15.67 28.32
CA LYS B 204 -15.74 15.81 29.77
C LYS B 204 -16.84 16.81 30.07
N ALA B 205 -16.87 17.90 29.29
CA ALA B 205 -17.85 18.97 29.50
C ALA B 205 -19.26 18.50 29.17
N ARG B 206 -19.37 17.54 28.25
CA ARG B 206 -20.64 16.93 27.87
C ARG B 206 -20.92 15.60 28.57
N ASN B 207 -20.19 15.34 29.65
CA ASN B 207 -20.34 14.12 30.43
C ASN B 207 -20.30 12.83 29.60
N ILE B 208 -19.39 12.82 28.62
CA ILE B 208 -19.09 11.58 27.93
C ILE B 208 -17.82 11.02 28.54
N GLN B 209 -17.85 9.72 28.79
CA GLN B 209 -16.72 9.03 29.42
C GLN B 209 -15.53 9.05 28.48
N ILE B 210 -14.41 9.53 29.01
CA ILE B 210 -13.13 9.28 28.38
C ILE B 210 -12.08 9.20 29.49
N ASP B 211 -11.37 8.08 29.50
CA ASP B 211 -10.51 7.70 30.61
C ASP B 211 -9.02 7.98 30.36
N GLY B 212 -8.60 7.94 29.10
CA GLY B 212 -7.20 8.16 28.83
C GLY B 212 -6.90 8.68 27.42
N VAL B 213 -5.67 9.18 27.25
CA VAL B 213 -5.09 9.41 25.91
C VAL B 213 -3.83 8.56 25.71
N GLY B 214 -3.79 7.89 24.55
CA GLY B 214 -2.66 7.10 24.10
C GLY B 214 -1.74 7.94 23.24
N LEU B 215 -0.49 7.97 23.67
CA LEU B 215 0.59 8.74 23.04
C LEU B 215 1.47 7.78 22.22
N GLU B 216 1.22 7.71 20.91
CA GLU B 216 1.79 6.62 20.12
C GLU B 216 3.30 6.51 20.27
N SER B 217 4.00 7.64 20.09
CA SER B 217 5.42 7.68 20.36
C SER B 217 6.24 6.85 19.34
N HIS B 218 5.88 6.98 18.06
CA HIS B 218 6.72 6.52 16.96
C HIS B 218 7.70 7.61 16.65
N PHE B 219 8.94 7.43 17.06
CA PHE B 219 9.90 8.49 17.02
C PHE B 219 11.06 8.12 16.11
N ILE B 220 11.82 9.13 15.69
CA ILE B 220 13.07 8.93 15.00
C ILE B 220 14.21 9.30 15.93
N ALA B 221 15.29 8.50 15.91
CA ALA B 221 16.42 8.73 16.80
C ALA B 221 16.97 10.15 16.62
N GLY B 222 17.04 10.90 17.72
CA GLY B 222 17.48 12.30 17.68
C GLY B 222 16.40 13.34 17.46
N GLU B 223 15.24 12.91 16.98
CA GLU B 223 14.08 13.77 16.84
C GLU B 223 13.06 13.62 17.94
N THR B 224 13.19 12.55 18.72
CA THR B 224 12.33 12.35 19.88
C THR B 224 12.32 13.60 20.78
N PRO B 225 11.14 14.00 21.29
CA PRO B 225 11.13 15.08 22.27
C PRO B 225 11.86 14.68 23.55
N SER B 226 12.53 15.65 24.16
CA SER B 226 13.33 15.40 25.35
C SER B 226 12.42 14.82 26.43
N GLN B 227 13.03 14.20 27.44
CA GLN B 227 12.28 13.68 28.56
C GLN B 227 11.46 14.79 29.20
N ALA B 228 12.08 15.95 29.40
CA ALA B 228 11.39 17.10 29.99
C ALA B 228 10.20 17.58 29.16
N THR B 229 10.34 17.55 27.84
CA THR B 229 9.26 17.92 26.96
C THR B 229 8.08 16.97 27.06
N GLN B 230 8.36 15.67 27.11
CA GLN B 230 7.35 14.68 27.34
C GLN B 230 6.70 14.82 28.73
N ILE B 231 7.47 15.13 29.76
CA ILE B 231 6.90 15.27 31.09
C ILE B 231 5.83 16.38 31.13
N THR B 232 6.11 17.56 30.53
CA THR B 232 5.09 18.62 30.54
C THR B 232 3.89 18.23 29.76
N ASN B 233 4.15 17.69 28.57
CA ASN B 233 3.05 17.32 27.69
C ASN B 233 2.14 16.31 28.39
N MET B 234 2.73 15.30 29.01
CA MET B 234 1.95 14.36 29.79
C MET B 234 1.13 15.04 30.90
N ALA B 235 1.74 15.99 31.60
CA ALA B 235 1.01 16.73 32.65
C ALA B 235 -0.16 17.51 32.06
N ASP B 236 -0.02 18.04 30.85
CA ASP B 236 -1.12 18.80 30.27
C ASP B 236 -2.33 17.86 30.09
N PHE B 237 -2.09 16.63 29.68
CA PHE B 237 -3.17 15.64 29.57
C PHE B 237 -3.69 15.19 30.91
N THR B 238 -2.82 14.81 31.84
CA THR B 238 -3.32 14.25 33.10
C THR B 238 -4.04 15.31 33.96
N SER B 239 -3.79 16.59 33.74
CA SER B 239 -4.51 17.65 34.49
C SER B 239 -6.01 17.73 34.13
N LEU B 240 -6.39 17.08 33.04
CA LEU B 240 -7.78 17.00 32.60
C LEU B 240 -8.52 15.83 33.28
N ASP B 241 -7.93 15.22 34.30
CA ASP B 241 -8.51 14.06 34.99
C ASP B 241 -8.66 12.84 34.07
N ILE B 242 -7.57 12.51 33.39
CA ILE B 242 -7.48 11.26 32.66
C ILE B 242 -6.11 10.66 32.92
N ASP B 243 -5.96 9.40 32.52
CA ASP B 243 -4.63 8.77 32.44
C ASP B 243 -3.99 9.06 31.08
N VAL B 244 -2.68 8.80 30.97
CA VAL B 244 -2.05 8.59 29.68
C VAL B 244 -1.34 7.26 29.61
N ALA B 245 -1.10 6.80 28.39
CA ALA B 245 -0.23 5.64 28.15
C ALA B 245 0.65 5.92 26.97
N VAL B 246 1.88 5.43 27.02
CA VAL B 246 2.75 5.41 25.84
C VAL B 246 2.39 4.12 25.10
N THR B 247 1.79 4.27 23.92
CA THR B 247 1.08 3.11 23.32
C THR B 247 1.77 2.39 22.16
N GLU B 248 2.68 3.05 21.44
CA GLU B 248 3.28 2.42 20.23
C GLU B 248 4.76 2.80 20.08
N LEU B 249 5.49 2.81 21.19
CA LEU B 249 6.85 3.31 21.19
C LEU B 249 7.79 2.50 20.31
N ASP B 250 8.47 3.21 19.43
CA ASP B 250 9.64 2.68 18.77
C ASP B 250 10.47 3.85 18.31
N VAL B 251 11.76 3.60 18.12
CA VAL B 251 12.73 4.67 17.82
C VAL B 251 13.57 4.23 16.62
N ARG B 252 13.13 4.67 15.45
CA ARG B 252 13.76 4.26 14.21
C ARG B 252 14.98 5.13 13.83
N LEU B 253 15.84 4.51 13.06
CA LEU B 253 17.10 5.11 12.60
C LEU B 253 17.18 5.02 11.09
N TYR B 254 18.06 5.84 10.53
CA TYR B 254 18.49 5.72 9.14
C TYR B 254 19.62 4.67 9.06
N LEU B 255 19.38 3.64 8.27
CA LEU B 255 20.31 2.54 8.15
C LEU B 255 21.50 2.96 7.28
N PRO B 256 22.68 2.44 7.60
CA PRO B 256 22.88 1.51 8.73
C PRO B 256 23.08 2.22 10.06
N PRO B 257 22.75 1.54 11.19
CA PRO B 257 23.07 2.21 12.49
C PRO B 257 24.56 2.47 12.63
N ASN B 258 24.91 3.53 13.33
CA ASN B 258 26.30 3.72 13.71
C ASN B 258 26.36 4.01 15.20
N ALA B 259 27.56 4.20 15.72
CA ALA B 259 27.70 4.33 17.17
C ALA B 259 26.94 5.53 17.71
N THR B 260 26.91 6.61 16.93
CA THR B 260 26.20 7.82 17.35
C THR B 260 24.68 7.62 17.33
N SER B 261 24.17 7.04 16.23
CA SER B 261 22.71 6.86 16.12
C SER B 261 22.22 5.81 17.09
N GLU B 262 22.98 4.76 17.33
CA GLU B 262 22.55 3.81 18.32
C GLU B 262 22.53 4.43 19.74
N ALA B 263 23.54 5.23 20.07
CA ALA B 263 23.51 5.93 21.36
C ALA B 263 22.31 6.87 21.46
N GLN B 264 21.97 7.54 20.36
CA GLN B 264 20.77 8.36 20.34
C GLN B 264 19.54 7.50 20.64
N GLN B 265 19.48 6.32 20.02
CA GLN B 265 18.31 5.46 20.21
C GLN B 265 18.19 5.11 21.70
N VAL B 266 19.30 4.73 22.32
CA VAL B 266 19.22 4.37 23.74
C VAL B 266 18.70 5.55 24.54
N ALA B 267 19.20 6.73 24.21
CA ALA B 267 18.81 7.96 24.93
C ALA B 267 17.31 8.26 24.77
N ASP B 268 16.80 8.03 23.56
CA ASP B 268 15.40 8.29 23.26
C ASP B 268 14.42 7.29 23.89
N TYR B 269 14.76 6.01 23.87
CA TYR B 269 13.99 5.05 24.62
C TYR B 269 13.99 5.41 26.11
N TYR B 270 15.18 5.72 26.63
CA TYR B 270 15.29 6.13 28.04
C TYR B 270 14.38 7.32 28.32
N ALA B 271 14.44 8.33 27.48
CA ALA B 271 13.72 9.58 27.74
C ALA B 271 12.21 9.34 27.83
N THR B 272 11.69 8.51 26.92
CA THR B 272 10.26 8.27 26.86
C THR B 272 9.74 7.48 28.05
N VAL B 273 10.45 6.39 28.33
CA VAL B 273 10.15 5.55 29.47
C VAL B 273 10.29 6.34 30.76
N ALA B 274 11.39 7.09 30.88
CA ALA B 274 11.60 7.91 32.08
C ALA B 274 10.49 8.96 32.28
N ALA B 275 10.01 9.54 31.18
CA ALA B 275 8.90 10.48 31.29
C ALA B 275 7.66 9.81 31.79
N CYS B 276 7.39 8.61 31.29
CA CYS B 276 6.23 7.88 31.79
C CYS B 276 6.44 7.57 33.28
N ALA B 277 7.64 7.09 33.63
CA ALA B 277 7.97 6.81 35.04
C ALA B 277 7.72 8.00 35.96
N ALA B 278 8.03 9.18 35.48
CA ALA B 278 7.88 10.42 36.23
C ALA B 278 6.42 10.85 36.42
N THR B 279 5.54 10.28 35.63
CA THR B 279 4.18 10.75 35.48
C THR B 279 3.24 9.78 36.19
N GLU B 280 2.65 10.23 37.31
CA GLU B 280 1.83 9.38 38.18
C GLU B 280 0.69 8.69 37.42
N ARG B 281 0.06 9.39 36.48
CA ARG B 281 -1.09 8.83 35.78
C ARG B 281 -0.72 8.36 34.37
N CYS B 282 0.57 8.16 34.09
CA CYS B 282 0.95 7.34 32.92
C CYS B 282 0.94 5.89 33.37
N ILE B 283 0.07 5.10 32.79
CA ILE B 283 -0.22 3.78 33.30
C ILE B 283 0.68 2.71 32.73
N GLY B 284 1.48 3.03 31.72
CA GLY B 284 2.36 2.04 31.15
C GLY B 284 2.94 2.43 29.82
N ILE B 285 3.94 1.64 29.42
CA ILE B 285 4.62 1.78 28.14
C ILE B 285 4.42 0.49 27.35
N THR B 286 3.97 0.65 26.11
CA THR B 286 3.94 -0.41 25.13
C THR B 286 4.84 -0.05 23.93
N VAL B 287 5.69 -0.99 23.54
CA VAL B 287 6.47 -0.82 22.31
C VAL B 287 5.71 -1.40 21.12
N TRP B 288 5.90 -0.83 19.92
CA TRP B 288 5.21 -1.32 18.73
C TRP B 288 5.95 -2.45 18.09
N ASP B 289 5.85 -3.57 18.81
CA ASP B 289 6.63 -4.76 18.55
C ASP B 289 8.08 -4.56 19.01
N PHE B 290 8.76 -5.66 19.22
CA PHE B 290 10.02 -5.71 19.92
C PHE B 290 11.15 -6.36 19.16
N ASP B 291 10.87 -6.80 17.93
CA ASP B 291 11.86 -7.52 17.18
C ASP B 291 11.93 -6.89 15.78
N ASP B 292 13.07 -6.30 15.45
CA ASP B 292 13.28 -5.68 14.15
C ASP B 292 12.77 -6.49 13.00
N THR B 293 12.95 -7.80 13.07
CA THR B 293 12.55 -8.72 11.98
C THR B 293 11.12 -8.52 11.52
N TYR B 294 10.24 -8.14 12.45
CA TYR B 294 8.82 -8.01 12.20
C TYR B 294 8.31 -6.58 12.33
N SER B 295 9.20 -5.62 12.55
CA SER B 295 8.77 -4.23 12.67
C SER B 295 8.10 -3.74 11.39
N TRP B 296 7.11 -2.87 11.57
CA TRP B 296 6.45 -2.14 10.51
C TRP B 296 7.35 -1.18 9.73
N VAL B 297 8.46 -0.77 10.31
CA VAL B 297 9.24 0.34 9.77
C VAL B 297 9.75 0.14 8.36
N PRO B 298 10.42 -1.00 8.05
CA PRO B 298 11.04 -1.09 6.71
C PRO B 298 10.04 -1.13 5.53
N SER B 299 8.82 -1.56 5.77
CA SER B 299 7.78 -1.58 4.71
C SER B 299 7.24 -0.20 4.42
N THR B 300 7.44 0.71 5.37
CA THR B 300 6.82 2.06 5.34
C THR B 300 7.82 3.18 5.02
N PHE B 301 9.00 3.11 5.61
CA PHE B 301 10.01 4.18 5.46
C PHE B 301 11.26 3.60 4.82
N ALA B 302 11.52 4.01 3.58
CA ALA B 302 12.68 3.50 2.89
C ALA B 302 13.96 3.87 3.66
N GLY B 303 14.87 2.93 3.79
CA GLY B 303 16.19 3.23 4.33
C GLY B 303 16.15 3.38 5.84
N GLN B 304 15.03 3.06 6.48
CA GLN B 304 14.93 3.14 7.94
C GLN B 304 14.63 1.82 8.58
N GLY B 305 14.96 1.69 9.86
CA GLY B 305 14.71 0.45 10.58
C GLY B 305 15.37 0.45 11.93
N TYR B 306 15.77 -0.76 12.37
CA TYR B 306 16.49 -0.94 13.62
C TYR B 306 15.76 -0.36 14.82
N ALA B 307 14.42 -0.30 14.75
CA ALA B 307 13.65 0.50 15.68
C ALA B 307 13.36 -0.11 17.05
N ASP B 308 13.62 -1.40 17.19
CA ASP B 308 13.08 -2.16 18.30
C ASP B 308 14.12 -2.58 19.30
N LEU B 309 13.66 -3.20 20.38
CA LEU B 309 14.53 -3.62 21.48
C LEU B 309 15.41 -4.83 21.20
N PHE B 310 14.97 -5.72 20.29
CA PHE B 310 15.73 -6.90 19.94
C PHE B 310 15.84 -6.99 18.43
N PHE B 311 16.81 -7.76 17.95
CA PHE B 311 16.88 -8.13 16.53
C PHE B 311 17.42 -9.54 16.35
N GLN B 312 17.31 -10.06 15.13
CA GLN B 312 17.87 -11.38 14.86
C GLN B 312 18.89 -11.29 13.76
N PRO B 313 20.19 -11.20 14.11
CA PRO B 313 21.18 -11.00 13.04
C PRO B 313 21.13 -12.13 11.98
N ASP B 314 20.69 -13.32 12.38
CA ASP B 314 20.63 -14.47 11.46
C ASP B 314 19.26 -14.72 10.88
N GLY B 315 18.33 -13.80 11.07
CA GLY B 315 17.06 -13.85 10.40
C GLY B 315 15.95 -14.49 11.22
N PRO B 316 14.77 -14.61 10.63
CA PRO B 316 13.67 -15.30 11.28
C PRO B 316 14.03 -16.74 11.69
N ASN B 317 13.46 -17.15 12.81
CA ASN B 317 13.67 -18.46 13.43
C ASN B 317 15.05 -18.65 14.01
N THR B 318 15.75 -17.56 14.31
CA THR B 318 17.05 -17.67 14.94
C THR B 318 17.08 -16.76 16.18
N PRO B 319 18.07 -16.98 17.07
CA PRO B 319 18.01 -16.38 18.39
C PRO B 319 17.93 -14.87 18.35
N LEU B 320 17.21 -14.30 19.28
CA LEU B 320 17.18 -12.83 19.44
C LEU B 320 18.46 -12.34 20.09
N VAL B 321 18.85 -11.13 19.73
CA VAL B 321 19.93 -10.42 20.38
C VAL B 321 19.32 -9.18 21.00
N LYS B 322 19.53 -9.03 22.31
CA LYS B 322 19.03 -7.89 23.08
C LYS B 322 19.93 -6.68 22.80
N LYS B 323 19.33 -5.56 22.41
CA LYS B 323 20.10 -4.36 22.06
C LYS B 323 20.31 -3.47 23.28
N ALA B 324 21.22 -2.50 23.13
CA ALA B 324 21.47 -1.51 24.16
C ALA B 324 20.21 -0.72 24.58
N ALA B 325 19.31 -0.50 23.62
CA ALA B 325 18.04 0.13 23.91
C ALA B 325 17.23 -0.52 25.04
N TYR B 326 17.28 -1.85 25.14
CA TYR B 326 16.62 -2.56 26.22
C TYR B 326 17.12 -2.04 27.56
N ASP B 327 18.42 -1.88 27.70
CA ASP B 327 18.97 -1.44 28.98
C ASP B 327 18.63 0.02 29.27
N GLY B 328 18.45 0.80 28.21
CA GLY B 328 17.89 2.17 28.35
C GLY B 328 16.50 2.18 28.98
N CYS B 329 15.63 1.28 28.53
CA CYS B 329 14.31 1.16 29.13
C CYS B 329 14.43 0.72 30.58
N LEU B 330 15.24 -0.29 30.84
CA LEU B 330 15.35 -0.79 32.22
C LEU B 330 15.84 0.28 33.20
N GLN B 331 16.90 0.97 32.81
CA GLN B 331 17.50 2.02 33.64
C GLN B 331 16.50 3.18 33.94
N ALA B 332 15.63 3.48 32.97
CA ALA B 332 14.61 4.51 33.16
C ALA B 332 13.62 4.10 34.22
N LEU B 333 13.40 2.81 34.37
CA LEU B 333 12.45 2.31 35.35
C LEU B 333 13.11 2.09 36.69
#